data_8IEL
#
_entry.id   8IEL
#
_cell.length_a   1.00
_cell.length_b   1.00
_cell.length_c   1.00
_cell.angle_alpha   90.00
_cell.angle_beta   90.00
_cell.angle_gamma   90.00
#
_symmetry.space_group_name_H-M   'P 1'
#
_entity_poly.entity_id   1
_entity_poly.type   'polypeptide(L)'
_entity_poly.pdbx_seq_one_letter_code
;RLSGYCGSPWRVIGYHVVVWMMAGIPLLLFRWKPLWGVRLRLRPCNLAHAETLVIEIRDKEDSSWQLFTVQVQTEAVSVG
QLEPSPQSQAEDGRSQAAVGAVPEGAWKDTAQLHKSEEAKRVLRYYLFQGQRYIWIETQQAFYQVSLLDHGRSCDDVHRS
RHGLSLQDQMVRKAIYGPNVISIPVKSYPQLLVDEALNPYYGFQAFSIALWLADHYYWYALCIFLISSISICLSLYKTRK
QSQTLRDMVKLSMRVCVCRPGGEEEWVDSSELVPGDCLVLPQEGGLMPCDAALVAGECMVNESSLTGESIPVLKTALPEG
LGPYCAETHRRHTLFCGTLILQARAYVGPHVLAVVTRTGFCTAKGGLVSSILHPRPINFKFYKHSMKFVAALSVLALLGT
IYSIFILYRNRVPLNEIVIRALDLVTVVVPPALPAAMTVCTLYAQSRLRRQGIFCIHPLRINLGGKLQLVCFDKTGTLTE
DGLDVMGVVPLKGQAFLPLVPEPRRLPVGPLLRALATCHALSRLQDTPVGDPMDLKMVESTGWVLEEEPAADSAFGTQVL
AVMRPPLWEPQLQAMEEPPVPVSVLHRFPFSSALQRMSVVVAWPGATQPEAYVKGSPELVAGLCNPETVPTDFAQMLQSY
TAAGYRVVALASKPLPTVPSLEAAQQLTRDTVEGDLSLLGLLVMRNLLKPQTTPVIQALRRTRIRAVMVTGDNLQTAVTV
ARGCGMVAPQEHLIIVHATHPERGQPASLEFLPMESPTAVNGVKDPDQAASYTVEPDPRSRHLALSGPTFGIIVKHFPKL
LPKVLVQGTVFARMAPEQKTELVCELQKLQYCVGMCGDGANDCGALKAADVGISLSQAEASVVSPFTSSMASIECVPMVI
REGRCSLDTSFSVFKYMALYSLTQFISVLILYTINTNLGDLQFLAIDLVITTTVAVLMSRTGPALVLGRVRPPGALLSVP
VLSSLLLQMVLVTGVQLGGYFLTLAQPWFVPLNRTVAAPDNLPNYENTVVFSLSSFQYLILAAAVSKGAPFRRPLYTNVP
FLVALALLSSVLVGLVLVPGLLQGPLALRNITDTGFKLLLLGLVTLNFVGAFMLESVLDQCLPACLRRLRPKRASKKRFK
QLERELAEQR
;
_entity_poly.pdbx_strand_id   P
#
# COMPACT_ATOMS: atom_id res chain seq x y z
N ARG A 1 21.36 12.65 3.27
CA ARG A 1 20.59 13.60 2.41
C ARG A 1 20.56 14.99 3.05
N LEU A 2 21.33 15.91 2.51
CA LEU A 2 21.38 17.27 3.03
C LEU A 2 21.73 18.22 1.89
N SER A 3 21.38 19.49 2.09
CA SER A 3 21.65 20.52 1.09
C SER A 3 21.65 21.88 1.77
N GLY A 4 22.24 22.86 1.09
CA GLY A 4 22.31 24.21 1.62
C GLY A 4 21.00 24.95 1.49
N TYR A 5 20.95 26.14 2.09
CA TYR A 5 19.77 26.98 2.09
C TYR A 5 20.09 28.35 1.52
N CYS A 6 20.81 28.39 0.41
CA CYS A 6 21.19 29.65 -0.21
C CYS A 6 20.01 30.27 -0.95
N GLY A 7 20.08 31.58 -1.13
CA GLY A 7 19.03 32.29 -1.85
C GLY A 7 19.34 33.77 -1.92
N SER A 8 18.55 34.47 -2.72
CA SER A 8 18.67 35.91 -2.91
C SER A 8 17.44 36.59 -2.35
N PRO A 9 17.57 37.50 -1.36
CA PRO A 9 16.36 38.03 -0.71
C PRO A 9 15.41 38.74 -1.66
N TRP A 10 15.86 39.84 -2.28
CA TRP A 10 15.07 40.52 -3.30
C TRP A 10 15.81 40.62 -4.62
N ARG A 11 16.99 41.25 -4.64
CA ARG A 11 17.77 41.49 -5.85
C ARG A 11 16.88 41.78 -7.05
N VAL A 12 15.90 42.68 -6.89
CA VAL A 12 14.95 43.02 -7.94
C VAL A 12 14.63 44.50 -7.81
N ILE A 13 15.01 45.28 -8.81
CA ILE A 13 14.70 46.70 -8.84
C ILE A 13 13.45 47.00 -9.68
N GLY A 14 13.24 46.31 -10.81
CA GLY A 14 13.98 45.23 -11.44
C GLY A 14 15.37 45.61 -11.94
N TYR A 15 15.44 46.45 -12.96
CA TYR A 15 14.31 46.99 -13.72
C TYR A 15 13.82 45.98 -14.77
N HIS A 16 14.55 44.87 -14.90
CA HIS A 16 14.25 43.85 -15.89
C HIS A 16 13.19 42.86 -15.43
N VAL A 17 12.37 43.22 -14.44
CA VAL A 17 11.35 42.30 -13.92
C VAL A 17 10.23 42.05 -14.93
N VAL A 18 10.17 42.83 -16.01
CA VAL A 18 9.11 42.67 -17.00
C VAL A 18 9.64 42.18 -18.35
N VAL A 19 10.95 42.23 -18.58
CA VAL A 19 11.49 41.81 -19.87
C VAL A 19 11.28 40.31 -20.10
N TRP A 20 11.13 39.53 -19.03
CA TRP A 20 10.99 38.08 -19.14
C TRP A 20 9.56 37.65 -19.44
N MET A 21 8.61 38.59 -19.54
CA MET A 21 7.22 38.22 -19.79
C MET A 21 7.09 37.49 -21.12
N MET A 22 7.76 37.98 -22.16
CA MET A 22 7.70 37.37 -23.48
C MET A 22 8.70 36.23 -23.65
N ALA A 23 9.62 36.06 -22.70
CA ALA A 23 10.61 35.00 -22.81
C ALA A 23 9.93 33.63 -22.94
N GLY A 24 10.71 32.66 -23.41
CA GLY A 24 10.15 31.33 -23.59
C GLY A 24 9.68 30.73 -22.28
N ILE A 25 8.61 29.95 -22.36
CA ILE A 25 7.99 29.34 -21.18
C ILE A 25 8.99 28.34 -20.59
N PRO A 26 9.64 28.65 -19.47
CA PRO A 26 10.73 27.79 -18.97
C PRO A 26 10.37 26.80 -17.87
N LEU A 27 9.16 26.82 -17.33
CA LEU A 27 8.87 26.03 -16.13
C LEU A 27 9.04 24.54 -16.41
N LEU A 28 8.60 24.08 -17.60
CA LEU A 28 8.70 22.66 -17.91
C LEU A 28 10.14 22.20 -17.97
N LEU A 29 11.04 23.06 -18.45
CA LEU A 29 12.45 22.69 -18.55
C LEU A 29 13.07 22.50 -17.17
N PHE A 30 12.74 23.37 -16.22
CA PHE A 30 13.33 23.29 -14.89
C PHE A 30 12.93 22.02 -14.15
N ARG A 31 11.78 21.44 -14.49
CA ARG A 31 11.33 20.22 -13.83
C ARG A 31 12.25 19.03 -14.10
N TRP A 32 13.07 19.09 -15.15
CA TRP A 32 14.00 18.02 -15.48
C TRP A 32 15.34 18.64 -15.84
N LYS A 33 16.38 18.28 -15.09
CA LYS A 33 17.72 18.80 -15.33
C LYS A 33 17.71 20.33 -15.24
N PRO A 34 17.52 20.89 -14.04
CA PRO A 34 17.51 22.35 -13.91
C PRO A 34 18.85 23.02 -14.17
N LEU A 35 19.89 22.25 -14.50
CA LEU A 35 21.19 22.83 -14.79
C LEU A 35 21.19 23.67 -16.06
N TRP A 36 20.14 23.60 -16.86
CA TRP A 36 20.00 24.40 -18.07
C TRP A 36 19.80 25.88 -17.79
N GLY A 37 19.87 26.34 -16.54
CA GLY A 37 19.70 27.75 -16.25
C GLY A 37 18.62 28.05 -15.24
N VAL A 38 18.33 27.10 -14.33
CA VAL A 38 17.34 27.36 -13.29
C VAL A 38 17.72 28.58 -12.47
N ARG A 39 19.02 28.82 -12.29
CA ARG A 39 19.45 29.97 -11.50
C ARG A 39 18.99 31.29 -12.12
N LEU A 40 18.88 31.34 -13.45
CA LEU A 40 18.43 32.56 -14.11
C LEU A 40 16.99 32.90 -13.78
N ARG A 41 16.21 31.94 -13.29
CA ARG A 41 14.78 32.16 -13.00
C ARG A 41 14.64 32.80 -11.62
N LEU A 42 15.09 34.06 -11.54
CA LEU A 42 14.98 34.86 -10.33
C LEU A 42 15.60 34.13 -9.14
N ARG A 43 16.74 33.49 -9.37
CA ARG A 43 17.49 32.79 -8.32
C ARG A 43 18.97 33.15 -8.43
N PRO A 44 19.33 34.41 -8.16
CA PRO A 44 20.75 34.78 -8.12
C PRO A 44 21.43 34.20 -6.89
N CYS A 45 22.76 34.10 -6.98
CA CYS A 45 23.57 33.62 -5.86
C CYS A 45 23.81 34.77 -4.89
N ASN A 46 23.51 34.53 -3.62
CA ASN A 46 23.64 35.56 -2.58
C ASN A 46 23.83 34.87 -1.24
N LEU A 47 23.90 35.66 -0.18
CA LEU A 47 24.08 35.15 1.17
C LEU A 47 22.73 34.68 1.72
N ALA A 48 22.69 34.36 3.01
CA ALA A 48 21.49 33.85 3.66
C ALA A 48 20.89 34.84 4.65
N HIS A 49 20.88 36.13 4.32
CA HIS A 49 20.34 37.15 5.21
C HIS A 49 18.92 37.49 4.79
N ALA A 50 17.95 37.05 5.58
CA ALA A 50 16.53 37.35 5.33
C ALA A 50 16.14 36.98 3.91
N GLU A 51 16.25 35.69 3.60
CA GLU A 51 15.97 35.18 2.27
C GLU A 51 14.46 35.05 2.08
N THR A 52 13.89 35.93 1.25
CA THR A 52 12.49 35.78 0.88
C THR A 52 12.27 34.49 0.09
N LEU A 53 13.20 34.17 -0.81
CA LEU A 53 13.15 32.95 -1.60
C LEU A 53 14.17 31.97 -1.05
N VAL A 54 13.70 30.81 -0.62
CA VAL A 54 14.54 29.76 -0.05
C VAL A 54 14.52 28.57 -0.99
N ILE A 55 15.71 28.14 -1.42
CA ILE A 55 15.86 26.99 -2.30
C ILE A 55 17.03 26.15 -1.78
N GLU A 56 16.97 24.85 -2.06
CA GLU A 56 18.00 23.90 -1.65
C GLU A 56 18.71 23.34 -2.87
N ILE A 57 20.05 23.28 -2.80
CA ILE A 57 20.87 22.88 -3.94
C ILE A 57 20.71 21.41 -4.30
N ARG A 58 20.06 20.62 -3.45
CA ARG A 58 19.85 19.19 -3.69
C ARG A 58 21.16 18.51 -4.10
N ASP A 59 22.22 18.80 -3.34
CA ASP A 59 23.51 18.17 -3.61
C ASP A 59 23.43 16.65 -3.47
N LYS A 60 22.74 16.18 -2.43
CA LYS A 60 22.56 14.75 -2.19
C LYS A 60 21.10 14.32 -2.36
N GLU A 61 20.32 15.09 -3.11
CA GLU A 61 18.91 14.79 -3.34
C GLU A 61 18.60 14.93 -4.83
N ASP A 62 17.60 14.16 -5.27
CA ASP A 62 17.18 14.16 -6.68
C ASP A 62 15.92 14.99 -6.91
N SER A 63 15.49 15.78 -5.93
CA SER A 63 14.30 16.59 -6.08
C SER A 63 14.47 17.87 -5.26
N SER A 64 13.68 18.88 -5.62
CA SER A 64 13.76 20.18 -4.96
C SER A 64 12.37 20.79 -4.89
N TRP A 65 12.20 21.70 -3.94
CA TRP A 65 10.95 22.43 -3.77
C TRP A 65 11.26 23.83 -3.26
N GLN A 66 10.32 24.74 -3.48
CA GLN A 66 10.50 26.14 -3.13
C GLN A 66 9.31 26.63 -2.31
N LEU A 67 9.62 27.33 -1.21
CA LEU A 67 8.61 27.96 -0.37
C LEU A 67 8.96 29.44 -0.22
N PHE A 68 7.94 30.25 0.08
CA PHE A 68 8.09 31.70 0.04
C PHE A 68 7.46 32.39 1.23
N THR A 69 7.35 33.71 1.16
CA THR A 69 6.81 34.55 2.23
C THR A 69 5.35 34.15 2.46
N VAL A 70 4.71 34.68 3.51
CA VAL A 70 5.14 35.70 4.46
C VAL A 70 5.00 35.20 5.89
N GLN A 71 5.72 35.84 6.82
CA GLN A 71 5.58 35.54 8.23
C GLN A 71 4.58 36.48 8.87
N VAL A 72 3.83 35.97 9.84
CA VAL A 72 2.79 36.74 10.51
C VAL A 72 3.45 37.73 11.46
N GLN A 73 3.03 39.00 11.39
CA GLN A 73 3.58 40.04 12.23
C GLN A 73 5.10 40.17 12.04
N ARG A 121 11.12 39.10 19.91
CA ARG A 121 11.37 39.61 18.57
C ARG A 121 10.62 38.78 17.53
N VAL A 122 10.50 39.31 16.32
CA VAL A 122 9.80 38.62 15.25
C VAL A 122 10.71 37.54 14.68
N LEU A 123 10.17 36.32 14.57
CA LEU A 123 10.91 35.17 14.06
C LEU A 123 10.26 34.70 12.77
N ARG A 124 11.07 34.58 11.71
CA ARG A 124 10.57 34.14 10.43
C ARG A 124 10.23 32.65 10.47
N TYR A 125 9.23 32.26 9.68
CA TYR A 125 8.80 30.87 9.61
C TYR A 125 8.19 30.60 8.24
N TYR A 126 8.12 29.32 7.88
CA TYR A 126 7.52 28.91 6.63
C TYR A 126 6.95 27.50 6.80
N LEU A 127 6.04 27.15 5.90
CA LEU A 127 5.40 25.83 5.88
C LEU A 127 5.88 25.06 4.66
N PHE A 128 6.43 23.87 4.89
CA PHE A 128 6.95 23.04 3.81
C PHE A 128 6.57 21.59 4.09
N GLN A 129 5.74 21.02 3.22
CA GLN A 129 5.33 19.62 3.33
C GLN A 129 4.70 19.31 4.68
N GLY A 130 4.13 20.33 5.33
CA GLY A 130 3.50 20.16 6.62
C GLY A 130 4.41 20.34 7.82
N GLN A 131 5.72 20.46 7.60
CA GLN A 131 6.65 20.65 8.71
C GLN A 131 6.77 22.13 9.06
N ARG A 132 7.03 22.40 10.33
CA ARG A 132 7.10 23.75 10.86
C ARG A 132 8.52 24.04 11.34
N TYR A 133 9.00 25.24 11.01
CA TYR A 133 10.32 25.70 11.43
C TYR A 133 10.21 27.13 11.92
N ILE A 134 11.13 27.52 12.80
CA ILE A 134 11.13 28.85 13.41
C ILE A 134 12.54 29.41 13.37
N TRP A 135 12.65 30.71 13.07
CA TRP A 135 13.94 31.36 13.06
C TRP A 135 14.56 31.39 14.45
N ILE A 136 15.88 31.26 14.51
CA ILE A 136 16.65 31.31 15.75
C ILE A 136 17.50 32.56 15.72
N GLU A 137 17.40 33.37 16.77
CA GLU A 137 18.16 34.62 16.82
C GLU A 137 19.63 34.38 17.13
N THR A 138 19.93 33.46 18.06
CA THR A 138 21.31 33.26 18.47
C THR A 138 22.17 32.73 17.33
N GLN A 139 21.62 31.84 16.50
CA GLN A 139 22.32 31.30 15.34
C GLN A 139 21.66 31.85 14.07
N GLN A 140 22.27 31.52 12.92
CA GLN A 140 21.73 31.91 11.64
C GLN A 140 20.76 30.85 11.13
N ALA A 141 20.08 31.16 10.02
CA ALA A 141 19.11 30.23 9.44
C ALA A 141 17.99 29.93 10.43
N PHE A 142 17.22 28.88 10.15
CA PHE A 142 16.09 28.50 11.00
C PHE A 142 16.49 27.33 11.89
N TYR A 143 15.54 26.86 12.70
CA TYR A 143 15.81 25.77 13.62
C TYR A 143 14.55 24.93 13.77
N GLN A 144 14.74 23.69 14.23
CA GLN A 144 13.64 22.75 14.38
C GLN A 144 12.65 23.22 15.43
N VAL A 145 11.39 22.83 15.25
CA VAL A 145 10.28 23.30 16.07
C VAL A 145 10.37 22.72 17.47
N SER A 146 9.52 23.21 18.38
CA SER A 146 9.40 22.79 19.78
C SER A 146 10.41 23.45 20.71
N LEU A 147 11.15 24.45 20.24
CA LEU A 147 11.96 25.31 21.10
C LEU A 147 12.88 24.48 22.00
N LEU A 148 13.81 23.79 21.35
CA LEU A 148 14.89 23.07 22.03
C LEU A 148 14.37 22.00 22.99
N ASP A 149 13.11 21.59 22.86
CA ASP A 149 12.55 20.61 23.78
C ASP A 149 13.12 19.22 23.51
N HIS A 150 12.86 18.68 22.32
CA HIS A 150 13.34 17.36 21.94
C HIS A 150 12.99 16.31 22.99
N GLY A 151 11.85 16.48 23.65
CA GLY A 151 11.41 15.57 24.68
C GLY A 151 11.98 15.81 26.06
N ARG A 152 12.86 16.79 26.20
CA ARG A 152 13.47 17.11 27.49
C ARG A 152 13.13 18.55 27.86
N SER A 153 12.79 18.76 29.13
CA SER A 153 12.45 20.09 29.62
C SER A 153 12.47 20.07 31.15
N CYS A 154 12.45 21.26 31.73
CA CYS A 154 12.44 21.39 33.19
C CYS A 154 11.12 20.87 33.73
N ASP A 155 11.17 19.72 34.42
CA ASP A 155 9.96 19.08 34.91
C ASP A 155 9.38 19.78 36.14
N ASP A 156 10.16 20.64 36.78
CA ASP A 156 9.67 21.30 38.00
C ASP A 156 8.44 22.14 37.71
N VAL A 157 8.60 23.18 36.88
CA VAL A 157 7.46 24.04 36.55
C VAL A 157 6.46 23.28 35.68
N HIS A 158 6.96 22.43 34.78
CA HIS A 158 6.07 21.69 33.89
C HIS A 158 5.10 20.82 34.67
N ARG A 159 5.61 20.10 35.67
CA ARG A 159 4.74 19.26 36.50
C ARG A 159 3.72 20.12 37.25
N SER A 160 4.17 21.24 37.81
CA SER A 160 3.28 22.16 38.53
C SER A 160 2.62 23.14 37.56
N ARG A 161 1.77 22.58 36.70
CA ARG A 161 1.06 23.35 35.70
C ARG A 161 -0.05 24.15 36.37
N HIS A 162 0.23 25.42 36.68
CA HIS A 162 -0.74 26.30 37.31
C HIS A 162 -1.56 27.11 36.31
N GLY A 163 -1.30 26.94 35.01
CA GLY A 163 -2.01 27.69 34.00
C GLY A 163 -1.28 28.94 33.56
N LEU A 164 -1.00 29.05 32.27
CA LEU A 164 -0.28 30.20 31.75
C LEU A 164 -1.14 31.45 31.85
N SER A 165 -0.53 32.55 32.27
CA SER A 165 -1.26 33.79 32.55
C SER A 165 -1.28 34.72 31.33
N LEU A 166 -1.70 34.19 30.19
CA LEU A 166 -1.91 34.97 28.96
C LEU A 166 -0.70 35.87 28.68
N GLN A 167 0.44 35.22 28.43
CA GLN A 167 1.69 35.92 28.16
C GLN A 167 1.83 36.25 26.67
N ASP A 168 0.84 36.96 26.13
CA ASP A 168 0.80 37.30 24.71
C ASP A 168 0.84 36.03 23.85
N GLN A 169 -0.25 35.26 23.99
CA GLN A 169 -0.34 33.98 23.31
C GLN A 169 -0.09 34.07 21.81
N MET A 170 -0.19 35.27 21.23
CA MET A 170 0.05 35.41 19.79
C MET A 170 1.41 34.83 19.39
N VAL A 171 2.42 34.96 20.26
CA VAL A 171 3.73 34.39 19.96
C VAL A 171 3.63 32.88 19.88
N ARG A 172 2.89 32.26 20.81
CA ARG A 172 2.73 30.80 20.78
C ARG A 172 1.97 30.37 19.52
N LYS A 173 0.97 31.14 19.12
CA LYS A 173 0.21 30.78 17.91
C LYS A 173 1.10 30.82 16.67
N ALA A 174 1.97 31.82 16.58
CA ALA A 174 2.81 31.96 15.39
C ALA A 174 3.73 30.76 15.22
N ILE A 175 4.35 30.29 16.30
CA ILE A 175 5.33 29.21 16.19
C ILE A 175 4.66 27.91 15.77
N TYR A 176 3.46 27.64 16.27
CA TYR A 176 2.76 26.39 16.00
C TYR A 176 1.58 26.55 15.04
N GLY A 177 0.94 27.71 15.01
CA GLY A 177 -0.21 27.92 14.17
C GLY A 177 -1.47 27.34 14.79
N PRO A 178 -2.58 27.40 14.06
CA PRO A 178 -3.83 26.84 14.59
C PRO A 178 -3.72 25.35 14.84
N ASN A 179 -4.39 24.89 15.88
CA ASN A 179 -4.35 23.48 16.28
C ASN A 179 -5.41 22.68 15.51
N VAL A 180 -5.32 22.75 14.19
CA VAL A 180 -6.23 22.03 13.31
C VAL A 180 -5.41 21.38 12.19
N ILE A 181 -6.00 20.35 11.58
CA ILE A 181 -5.40 19.65 10.46
C ILE A 181 -6.32 19.84 9.26
N SER A 182 -5.77 20.37 8.17
CA SER A 182 -6.54 20.66 6.96
C SER A 182 -5.64 20.41 5.76
N ILE A 183 -5.78 19.24 5.14
CA ILE A 183 -5.01 18.96 3.92
C ILE A 183 -5.43 19.94 2.84
N PRO A 184 -4.50 20.60 2.15
CA PRO A 184 -4.90 21.58 1.13
C PRO A 184 -5.77 20.96 0.06
N VAL A 185 -6.82 21.67 -0.33
CA VAL A 185 -7.77 21.22 -1.35
C VAL A 185 -7.88 22.32 -2.39
N LYS A 186 -7.74 21.94 -3.66
CA LYS A 186 -7.82 22.90 -4.76
C LYS A 186 -9.21 22.89 -5.37
N SER A 187 -9.65 24.07 -5.80
CA SER A 187 -10.97 24.19 -6.43
C SER A 187 -10.99 23.49 -7.78
N TYR A 188 -12.20 23.25 -8.27
CA TYR A 188 -12.35 22.56 -9.55
C TYR A 188 -11.60 23.25 -10.67
N PRO A 189 -11.73 24.56 -10.88
CA PRO A 189 -10.89 25.21 -11.91
C PRO A 189 -9.40 25.08 -11.64
N GLN A 190 -8.99 25.10 -10.37
CA GLN A 190 -7.57 24.93 -10.06
C GLN A 190 -7.08 23.55 -10.46
N LEU A 191 -7.87 22.52 -10.18
CA LEU A 191 -7.48 21.16 -10.58
C LEU A 191 -7.54 20.99 -12.10
N LEU A 192 -8.44 21.70 -12.76
CA LEU A 192 -8.55 21.59 -14.22
C LEU A 192 -7.35 22.25 -14.90
N VAL A 193 -7.01 23.47 -14.48
CA VAL A 193 -5.95 24.22 -15.16
C VAL A 193 -4.58 23.60 -14.89
N ASP A 194 -4.32 23.18 -13.66
CA ASP A 194 -3.00 22.69 -13.30
C ASP A 194 -2.70 21.31 -13.86
N GLU A 195 -3.70 20.62 -14.44
CA GLU A 195 -3.51 19.32 -15.05
C GLU A 195 -3.51 19.39 -16.57
N ALA A 196 -3.51 20.59 -17.15
CA ALA A 196 -3.56 20.76 -18.60
C ALA A 196 -2.19 20.99 -19.22
N LEU A 197 -1.12 20.86 -18.44
CA LEU A 197 0.24 21.09 -18.94
C LEU A 197 0.87 19.83 -19.51
N ASN A 198 0.16 18.72 -19.54
CA ASN A 198 0.73 17.48 -20.05
C ASN A 198 1.05 17.64 -21.54
N PRO A 199 2.23 17.21 -22.00
CA PRO A 199 2.55 17.35 -23.43
C PRO A 199 1.58 16.60 -24.33
N TYR A 200 1.02 15.49 -23.86
CA TYR A 200 0.07 14.75 -24.70
C TYR A 200 -1.17 15.59 -24.99
N TYR A 201 -1.66 16.32 -24.00
CA TYR A 201 -2.82 17.18 -24.23
C TYR A 201 -2.49 18.31 -25.19
N GLY A 202 -1.28 18.86 -25.10
CA GLY A 202 -0.87 19.87 -26.07
C GLY A 202 -0.80 19.32 -27.47
N PHE A 203 -0.27 18.12 -27.63
CA PHE A 203 -0.23 17.50 -28.96
C PHE A 203 -1.64 17.24 -29.48
N GLN A 204 -2.55 16.82 -28.60
CA GLN A 204 -3.93 16.62 -29.00
C GLN A 204 -4.57 17.93 -29.45
N ALA A 205 -4.30 19.02 -28.72
CA ALA A 205 -4.83 20.32 -29.11
C ALA A 205 -4.26 20.74 -30.47
N PHE A 206 -2.98 20.50 -30.69
CA PHE A 206 -2.39 20.81 -32.00
C PHE A 206 -3.04 20.00 -33.10
N SER A 207 -3.33 18.73 -32.84
CA SER A 207 -4.02 17.90 -33.82
C SER A 207 -5.42 18.44 -34.11
N ILE A 208 -6.13 18.88 -33.06
CA ILE A 208 -7.44 19.47 -33.26
C ILE A 208 -7.34 20.70 -34.15
N ALA A 209 -6.35 21.55 -33.87
CA ALA A 209 -6.16 22.77 -34.65
C ALA A 209 -5.88 22.43 -36.10
N LEU A 210 -5.01 21.45 -36.35
CA LEU A 210 -4.68 21.07 -37.72
C LEU A 210 -5.90 20.51 -38.44
N TRP A 211 -6.68 19.66 -37.76
CA TRP A 211 -7.86 19.09 -38.39
C TRP A 211 -8.90 20.16 -38.70
N LEU A 212 -9.03 21.16 -37.83
CA LEU A 212 -9.90 22.29 -38.14
C LEU A 212 -9.36 23.08 -39.33
N ALA A 213 -8.04 23.25 -39.41
CA ALA A 213 -7.45 24.02 -40.51
C ALA A 213 -7.66 23.34 -41.85
N ASP A 214 -7.57 22.01 -41.88
CA ASP A 214 -7.63 21.26 -43.13
C ASP A 214 -9.06 20.99 -43.58
N HIS A 215 -10.03 21.78 -43.10
CA HIS A 215 -11.42 21.71 -43.53
C HIS A 215 -12.12 20.43 -43.08
N TYR A 216 -11.62 19.78 -42.03
CA TYR A 216 -12.22 18.59 -41.45
C TYR A 216 -12.54 18.88 -39.99
N TYR A 217 -13.71 19.47 -39.74
CA TYR A 217 -14.12 19.82 -38.39
C TYR A 217 -14.80 18.67 -37.66
N TRP A 218 -15.36 17.70 -38.39
CA TRP A 218 -16.01 16.57 -37.73
C TRP A 218 -15.01 15.78 -36.90
N TYR A 219 -13.81 15.53 -37.45
CA TYR A 219 -12.78 14.86 -36.68
C TYR A 219 -12.35 15.71 -35.48
N ALA A 220 -12.27 17.02 -35.67
CA ALA A 220 -11.93 17.90 -34.56
C ALA A 220 -12.93 17.76 -33.43
N LEU A 221 -14.22 17.64 -33.76
CA LEU A 221 -15.24 17.49 -32.74
C LEU A 221 -15.04 16.20 -31.95
N CYS A 222 -14.74 15.10 -32.64
CA CYS A 222 -14.55 13.83 -31.94
C CYS A 222 -13.30 13.88 -31.07
N ILE A 223 -12.23 14.50 -31.56
CA ILE A 223 -11.01 14.62 -30.75
C ILE A 223 -11.29 15.47 -29.52
N PHE A 224 -12.05 16.55 -29.68
CA PHE A 224 -12.38 17.39 -28.54
C PHE A 224 -13.24 16.64 -27.53
N LEU A 225 -14.18 15.82 -28.02
CA LEU A 225 -14.98 15.01 -27.10
C LEU A 225 -14.11 14.01 -26.35
N ILE A 226 -13.14 13.39 -27.04
CA ILE A 226 -12.22 12.48 -26.38
C ILE A 226 -11.43 13.20 -25.30
N SER A 227 -10.95 14.41 -25.62
CA SER A 227 -10.21 15.19 -24.62
C SER A 227 -11.10 15.54 -23.44
N SER A 228 -12.37 15.88 -23.70
CA SER A 228 -13.29 16.23 -22.62
C SER A 228 -13.55 15.04 -21.70
N ILE A 229 -13.76 13.85 -22.28
CA ILE A 229 -13.98 12.67 -21.45
C ILE A 229 -12.73 12.34 -20.65
N SER A 230 -11.54 12.49 -21.27
CA SER A 230 -10.31 12.28 -20.52
C SER A 230 -10.21 13.25 -19.36
N ILE A 231 -10.55 14.52 -19.59
CA ILE A 231 -10.49 15.52 -18.53
C ILE A 231 -11.45 15.17 -17.41
N CYS A 232 -12.67 14.77 -17.75
CA CYS A 232 -13.65 14.48 -16.70
C CYS A 232 -13.23 13.26 -15.89
N LEU A 233 -12.73 12.22 -16.54
CA LEU A 233 -12.33 11.03 -15.80
C LEU A 233 -11.11 11.31 -14.95
N SER A 234 -10.17 12.13 -15.43
CA SER A 234 -9.03 12.51 -14.61
C SER A 234 -9.47 13.33 -13.41
N LEU A 235 -10.43 14.24 -13.61
CA LEU A 235 -10.94 15.03 -12.48
C LEU A 235 -11.61 14.13 -11.47
N TYR A 236 -12.39 13.15 -11.92
CA TYR A 236 -13.04 12.22 -11.00
C TYR A 236 -12.00 11.41 -10.22
N LYS A 237 -10.95 10.94 -10.92
CA LYS A 237 -9.91 10.18 -10.23
C LYS A 237 -9.21 11.03 -9.18
N THR A 238 -8.90 12.28 -9.52
CA THR A 238 -8.26 13.17 -8.54
C THR A 238 -9.19 13.45 -7.37
N ARG A 239 -10.48 13.64 -7.65
CA ARG A 239 -11.44 13.93 -6.58
C ARG A 239 -11.54 12.76 -5.62
N LYS A 240 -11.75 11.55 -6.14
CA LYS A 240 -12.14 10.42 -5.29
C LYS A 240 -11.21 10.28 -4.09
N GLN A 241 -9.89 10.30 -4.32
CA GLN A 241 -8.96 10.09 -3.22
C GLN A 241 -9.06 11.22 -2.20
N SER A 242 -9.12 12.46 -2.66
CA SER A 242 -9.15 13.59 -1.73
C SER A 242 -10.44 13.59 -0.91
N GLN A 243 -11.58 13.38 -1.56
CA GLN A 243 -12.86 13.37 -0.84
C GLN A 243 -13.06 12.09 -0.03
N THR A 244 -12.24 11.06 -0.25
CA THR A 244 -12.29 9.90 0.62
C THR A 244 -11.41 10.07 1.84
N LEU A 245 -10.25 10.70 1.69
CA LEU A 245 -9.37 10.95 2.81
C LEU A 245 -9.75 12.19 3.62
N ARG A 246 -10.65 13.03 3.09
CA ARG A 246 -11.04 14.22 3.83
C ARG A 246 -11.89 13.89 5.05
N ASP A 247 -12.67 12.82 4.98
CA ASP A 247 -13.54 12.46 6.11
C ASP A 247 -12.73 12.18 7.36
N MET A 248 -11.48 11.75 7.21
CA MET A 248 -10.65 11.44 8.37
C MET A 248 -10.33 12.68 9.20
N VAL A 249 -10.49 13.87 8.63
CA VAL A 249 -10.18 15.12 9.33
C VAL A 249 -11.28 15.39 10.35
N LYS A 250 -11.00 15.10 11.63
CA LYS A 250 -11.99 15.33 12.67
C LYS A 250 -12.30 16.82 12.79
N LEU A 251 -13.58 17.14 12.88
CA LEU A 251 -14.02 18.52 12.97
C LEU A 251 -13.76 19.07 14.37
N SER A 252 -13.65 20.39 14.46
CA SER A 252 -13.43 21.05 15.73
C SER A 252 -14.69 20.99 16.59
N MET A 253 -14.49 21.10 17.90
CA MET A 253 -15.59 21.04 18.84
C MET A 253 -15.25 21.87 20.07
N ARG A 254 -16.27 22.22 20.83
CA ARG A 254 -16.07 22.99 22.05
C ARG A 254 -15.41 22.12 23.12
N VAL A 255 -14.43 22.68 23.81
CA VAL A 255 -13.73 22.00 24.88
C VAL A 255 -13.61 22.96 26.07
N CYS A 256 -13.41 22.38 27.25
CA CYS A 256 -13.27 23.13 28.49
C CYS A 256 -11.81 23.21 28.88
N VAL A 257 -11.32 24.41 29.15
CA VAL A 257 -9.91 24.66 29.44
C VAL A 257 -9.83 25.57 30.67
N CYS A 258 -8.94 25.24 31.60
CA CYS A 258 -8.88 25.93 32.88
C CYS A 258 -7.77 26.99 32.88
N ARG A 259 -8.07 28.13 33.49
CA ARG A 259 -7.16 29.27 33.59
C ARG A 259 -6.61 29.42 35.01
N PRO A 260 -5.44 30.05 35.15
CA PRO A 260 -4.89 30.30 36.48
C PRO A 260 -5.80 31.20 37.30
N GLY A 261 -5.80 30.97 38.61
CA GLY A 261 -6.65 31.72 39.51
C GLY A 261 -8.01 31.10 39.77
N GLY A 262 -8.33 29.99 39.12
CA GLY A 262 -9.59 29.31 39.33
C GLY A 262 -10.69 29.68 38.35
N GLU A 263 -10.36 30.36 37.26
CA GLU A 263 -11.35 30.74 36.26
C GLU A 263 -11.50 29.63 35.23
N GLU A 264 -12.74 29.20 35.00
CA GLU A 264 -13.06 28.16 34.04
C GLU A 264 -13.89 28.74 32.90
N GLU A 265 -13.43 28.51 31.67
CA GLU A 265 -14.10 29.03 30.49
C GLU A 265 -14.11 27.96 29.41
N TRP A 266 -15.09 28.05 28.52
CA TRP A 266 -15.24 27.11 27.40
C TRP A 266 -14.79 27.82 26.12
N VAL A 267 -13.83 27.20 25.42
CA VAL A 267 -13.28 27.76 24.20
C VAL A 267 -13.19 26.65 23.16
N ASP A 268 -13.11 27.05 21.89
CA ASP A 268 -13.01 26.09 20.81
C ASP A 268 -11.65 25.38 20.85
N SER A 269 -11.62 24.19 20.25
CA SER A 269 -10.40 23.40 20.25
C SER A 269 -9.26 24.07 19.49
N SER A 270 -9.58 25.03 18.61
CA SER A 270 -8.53 25.72 17.87
C SER A 270 -7.60 26.49 18.81
N GLU A 271 -8.16 27.13 19.84
CA GLU A 271 -7.36 27.90 20.77
C GLU A 271 -6.39 27.03 21.57
N LEU A 272 -6.63 25.72 21.63
CA LEU A 272 -5.76 24.84 22.39
C LEU A 272 -4.33 24.92 21.88
N VAL A 273 -3.39 24.99 22.82
CA VAL A 273 -1.97 25.07 22.50
C VAL A 273 -1.24 24.07 23.40
N PRO A 274 -0.13 23.47 22.96
CA PRO A 274 0.60 22.56 23.84
C PRO A 274 1.06 23.26 25.11
N GLY A 275 1.04 22.51 26.21
CA GLY A 275 1.38 23.08 27.51
C GLY A 275 0.26 23.84 28.17
N ASP A 276 -0.96 23.75 27.65
CA ASP A 276 -2.12 24.44 28.20
C ASP A 276 -3.00 23.44 28.94
N CYS A 277 -3.85 23.98 29.81
CA CYS A 277 -4.75 23.15 30.59
C CYS A 277 -5.75 22.44 29.69
N LEU A 278 -6.19 21.26 30.13
CA LEU A 278 -7.21 20.51 29.41
C LEU A 278 -7.88 19.56 30.37
N VAL A 279 -9.20 19.66 30.51
CA VAL A 279 -9.98 18.86 31.45
C VAL A 279 -10.89 17.94 30.65
N LEU A 280 -10.97 16.69 31.08
CA LEU A 280 -11.80 15.72 30.40
C LEU A 280 -13.26 16.17 30.45
N PRO A 281 -14.02 16.03 29.35
CA PRO A 281 -15.43 16.47 29.35
C PRO A 281 -16.32 15.45 30.05
N GLN A 282 -16.78 15.81 31.25
CA GLN A 282 -17.70 15.00 32.05
C GLN A 282 -17.36 13.51 31.97
N GLU A 283 -16.06 13.20 31.95
CA GLU A 283 -15.60 11.81 31.91
C GLU A 283 -16.22 11.05 30.74
N GLY A 284 -16.35 11.72 29.60
CA GLY A 284 -16.92 11.10 28.42
C GLY A 284 -16.91 12.01 27.21
N GLY A 285 -16.49 11.47 26.07
CA GLY A 285 -16.43 12.25 24.83
C GLY A 285 -15.27 11.87 23.95
N LEU A 286 -14.59 12.87 23.39
CA LEU A 286 -13.46 12.65 22.51
C LEU A 286 -12.35 13.64 22.88
N MET A 287 -11.11 13.26 22.56
CA MET A 287 -9.98 14.11 22.89
C MET A 287 -9.56 14.92 21.67
N PRO A 288 -9.23 16.21 21.83
CA PRO A 288 -8.82 17.01 20.67
C PRO A 288 -7.49 16.57 20.10
N CYS A 289 -6.49 16.42 20.95
CA CYS A 289 -5.15 16.02 20.53
C CYS A 289 -4.51 15.20 21.65
N ASP A 290 -3.26 14.81 21.41
CA ASP A 290 -2.53 14.02 22.40
C ASP A 290 -2.24 14.85 23.64
N ALA A 291 -2.15 14.16 24.78
CA ALA A 291 -1.88 14.83 26.05
C ALA A 291 -1.30 13.80 27.01
N ALA A 292 -0.71 14.31 28.09
CA ALA A 292 -0.11 13.48 29.14
C ALA A 292 -0.91 13.62 30.42
N LEU A 293 -1.29 12.49 31.00
CA LEU A 293 -2.08 12.51 32.23
C LEU A 293 -1.25 13.06 33.38
N VAL A 294 -1.81 14.02 34.11
CA VAL A 294 -1.09 14.62 35.23
C VAL A 294 -0.98 13.62 36.39
N ALA A 295 -2.07 12.92 36.68
CA ALA A 295 -2.09 11.98 37.80
C ALA A 295 -3.30 11.07 37.64
N GLY A 296 -3.36 10.03 38.46
CA GLY A 296 -4.47 9.11 38.43
C GLY A 296 -4.35 8.07 37.34
N GLU A 297 -5.39 7.25 37.21
CA GLU A 297 -5.47 6.20 36.22
C GLU A 297 -6.60 6.50 35.25
N CYS A 298 -6.36 6.22 33.97
CA CYS A 298 -7.34 6.46 32.92
C CYS A 298 -7.38 5.27 31.97
N MET A 299 -8.53 5.08 31.34
CA MET A 299 -8.74 4.02 30.38
C MET A 299 -8.89 4.61 28.98
N VAL A 300 -8.09 4.11 28.04
CA VAL A 300 -8.08 4.62 26.68
C VAL A 300 -8.08 3.45 25.71
N ASN A 301 -8.58 3.71 24.50
CA ASN A 301 -8.63 2.71 23.44
C ASN A 301 -8.12 3.32 22.14
N GLU A 302 -7.54 2.46 21.31
CA GLU A 302 -6.99 2.85 20.01
C GLU A 302 -7.37 1.83 18.95
N SER A 303 -8.63 1.42 18.95
CA SER A 303 -9.09 0.37 18.04
C SER A 303 -8.95 0.79 16.58
N SER A 304 -9.49 1.96 16.23
CA SER A 304 -9.53 2.39 14.85
C SER A 304 -8.29 3.17 14.41
N LEU A 305 -7.34 3.41 15.33
CA LEU A 305 -6.16 4.20 15.01
C LEU A 305 -4.85 3.42 15.06
N THR A 306 -4.81 2.30 15.79
CA THR A 306 -3.57 1.55 15.93
C THR A 306 -3.75 0.09 15.54
N GLY A 307 -4.93 -0.47 15.79
CA GLY A 307 -5.16 -1.87 15.52
C GLY A 307 -6.12 -2.53 16.49
N GLU A 308 -5.67 -3.59 17.15
CA GLU A 308 -6.51 -4.32 18.09
C GLU A 308 -7.29 -3.38 18.99
N SER A 309 -8.54 -3.72 19.23
CA SER A 309 -9.46 -2.86 19.99
C SER A 309 -9.47 -3.16 21.48
N ILE A 310 -8.63 -4.07 21.95
CA ILE A 310 -8.60 -4.44 23.37
C ILE A 310 -8.12 -3.23 24.16
N PRO A 311 -8.87 -2.74 25.14
CA PRO A 311 -8.40 -1.60 25.93
C PRO A 311 -7.11 -1.93 26.68
N VAL A 312 -6.26 -0.91 26.83
CA VAL A 312 -5.00 -1.03 27.54
C VAL A 312 -5.00 -0.01 28.67
N LEU A 313 -4.68 -0.48 29.88
CA LEU A 313 -4.66 0.42 31.04
C LEU A 313 -3.57 1.47 30.88
N LYS A 314 -3.86 2.68 31.38
CA LYS A 314 -2.94 3.79 31.32
C LYS A 314 -2.75 4.37 32.72
N THR A 315 -1.52 4.73 33.05
CA THR A 315 -1.19 5.29 34.35
C THR A 315 -0.32 6.53 34.16
N ALA A 316 -0.37 7.41 35.16
CA ALA A 316 0.36 8.67 35.09
C ALA A 316 1.86 8.42 35.08
N LEU A 317 2.57 9.30 34.37
CA LEU A 317 4.02 9.17 34.29
C LEU A 317 4.66 9.44 35.65
N PRO A 318 5.83 8.86 35.92
CA PRO A 318 6.49 9.10 37.20
C PRO A 318 6.83 10.58 37.38
N GLU A 319 6.78 11.03 38.63
CA GLU A 319 7.03 12.42 38.98
C GLU A 319 8.39 12.55 39.66
N GLY A 320 9.02 13.70 39.45
CA GLY A 320 10.31 13.97 40.08
C GLY A 320 11.41 13.03 39.67
N LEU A 321 11.49 12.71 38.37
CA LEU A 321 12.52 11.83 37.84
C LEU A 321 13.46 12.55 36.87
N GLY A 322 12.92 13.23 35.87
CA GLY A 322 13.73 13.92 34.90
C GLY A 322 13.10 13.91 33.51
N PRO A 323 13.87 14.28 32.50
CA PRO A 323 13.32 14.28 31.13
C PRO A 323 12.94 12.86 30.69
N TYR A 324 11.89 12.79 29.88
CA TYR A 324 11.38 11.54 29.36
C TYR A 324 11.34 11.60 27.84
N CYS A 325 11.86 10.57 27.19
CA CYS A 325 11.93 10.52 25.74
C CYS A 325 10.67 9.86 25.18
N ALA A 326 10.61 9.75 23.85
CA ALA A 326 9.47 9.14 23.20
C ALA A 326 9.32 7.66 23.52
N GLU A 327 10.39 7.01 23.96
CA GLU A 327 10.31 5.58 24.30
C GLU A 327 9.32 5.35 25.44
N THR A 328 9.37 6.20 26.46
CA THR A 328 8.47 6.07 27.60
C THR A 328 7.12 6.74 27.37
N HIS A 329 6.95 7.47 26.27
CA HIS A 329 5.68 8.14 26.03
C HIS A 329 4.54 7.14 25.93
N ARG A 330 4.72 6.08 25.14
CA ARG A 330 3.64 5.10 24.96
C ARG A 330 3.14 4.57 26.29
N ARG A 331 4.03 4.44 27.27
CA ARG A 331 3.61 3.99 28.59
C ARG A 331 2.64 4.98 29.23
N HIS A 332 2.91 6.28 29.11
CA HIS A 332 2.13 7.32 29.78
C HIS A 332 1.80 8.46 28.84
N THR A 333 1.32 8.14 27.64
CA THR A 333 0.88 9.16 26.70
C THR A 333 -0.48 8.78 26.12
N LEU A 334 -1.28 9.79 25.81
CA LEU A 334 -2.59 9.60 25.20
C LEU A 334 -2.47 9.69 23.69
N PHE A 335 -3.60 9.52 23.00
CA PHE A 335 -3.66 9.58 21.55
C PHE A 335 -4.81 10.46 21.12
N CYS A 336 -4.64 11.12 19.97
CA CYS A 336 -5.66 12.00 19.45
C CYS A 336 -6.84 11.20 18.91
N GLY A 337 -8.05 11.74 19.08
CA GLY A 337 -9.24 11.11 18.55
C GLY A 337 -9.51 9.73 19.12
N THR A 338 -9.41 9.59 20.43
CA THR A 338 -9.65 8.32 21.10
C THR A 338 -10.75 8.48 22.14
N LEU A 339 -11.64 7.49 22.21
CA LEU A 339 -12.72 7.50 23.19
C LEU A 339 -12.16 7.22 24.59
N ILE A 340 -12.74 7.87 25.59
CA ILE A 340 -12.34 7.72 26.98
C ILE A 340 -13.48 7.01 27.72
N LEU A 341 -13.15 5.92 28.41
CA LEU A 341 -14.15 5.14 29.13
C LEU A 341 -14.37 5.68 30.54
N GLN A 342 -13.31 5.70 31.35
CA GLN A 342 -13.42 6.18 32.72
C GLN A 342 -12.03 6.47 33.24
N ALA A 343 -11.95 7.40 34.20
CA ALA A 343 -10.71 7.77 34.86
C ALA A 343 -10.92 7.83 36.35
N ARG A 344 -9.92 7.39 37.11
CA ARG A 344 -10.01 7.38 38.57
C ARG A 344 -9.82 8.77 39.12
N ALA A 345 -10.75 9.21 39.98
CA ALA A 345 -10.66 10.52 40.62
C ALA A 345 -10.06 10.36 42.01
N TYR A 346 -8.76 10.02 42.03
CA TYR A 346 -8.06 9.80 43.28
C TYR A 346 -8.02 11.09 44.11
N VAL A 347 -7.76 12.23 43.46
CA VAL A 347 -7.64 13.50 44.14
C VAL A 347 -8.94 14.28 43.93
N GLY A 348 -9.17 15.27 44.79
CA GLY A 348 -10.39 16.04 44.78
C GLY A 348 -10.76 16.56 43.40
N PRO A 349 -9.95 17.47 42.86
CA PRO A 349 -10.26 18.04 41.53
C PRO A 349 -10.33 16.95 40.47
N HIS A 350 -11.22 17.15 39.51
CA HIS A 350 -11.41 16.18 38.45
C HIS A 350 -10.12 15.97 37.66
N VAL A 351 -10.11 14.93 36.85
CA VAL A 351 -8.92 14.59 36.08
C VAL A 351 -8.70 15.62 34.98
N LEU A 352 -7.44 15.91 34.69
CA LEU A 352 -7.09 16.86 33.63
C LEU A 352 -5.77 16.44 33.01
N ALA A 353 -5.53 16.92 31.80
CA ALA A 353 -4.33 16.57 31.05
C ALA A 353 -3.79 17.83 30.37
N VAL A 354 -2.54 17.73 29.90
CA VAL A 354 -1.86 18.83 29.23
C VAL A 354 -1.38 18.34 27.88
N VAL A 355 -1.64 19.13 26.84
CA VAL A 355 -1.22 18.80 25.49
C VAL A 355 0.28 19.05 25.35
N THR A 356 0.95 18.21 24.57
CA THR A 356 2.39 18.33 24.38
C THR A 356 2.76 18.38 22.90
N ARG A 357 1.93 17.77 22.05
CA ARG A 357 2.17 17.71 20.62
C ARG A 357 0.96 18.27 19.88
N THR A 358 1.22 18.98 18.79
CA THR A 358 0.16 19.56 17.98
C THR A 358 0.65 19.70 16.54
N GLY A 359 -0.31 19.83 15.63
CA GLY A 359 0.02 20.00 14.23
C GLY A 359 0.39 18.69 13.55
N PHE A 360 1.11 18.82 12.43
CA PHE A 360 1.50 17.66 11.65
C PHE A 360 2.55 16.79 12.34
N CYS A 361 3.15 17.27 13.43
CA CYS A 361 4.17 16.51 14.15
C CYS A 361 3.56 15.50 15.11
N THR A 362 2.24 15.47 15.27
CA THR A 362 1.60 14.53 16.15
C THR A 362 1.74 13.11 15.62
N ALA A 363 1.51 12.13 16.51
CA ALA A 363 1.57 10.74 16.09
C ALA A 363 0.52 10.43 15.02
N LYS A 364 -0.68 10.98 15.18
CA LYS A 364 -1.72 10.78 14.19
C LYS A 364 -1.32 11.35 12.83
N GLY A 365 -0.70 12.53 12.83
CA GLY A 365 -0.31 13.17 11.58
C GLY A 365 0.78 12.43 10.83
N GLY A 366 1.62 11.67 11.53
CA GLY A 366 2.70 10.98 10.86
C GLY A 366 2.21 9.96 9.84
N LEU A 367 1.18 9.20 10.20
CA LEU A 367 0.65 8.20 9.27
C LEU A 367 0.10 8.84 8.01
N VAL A 368 -0.64 9.94 8.15
CA VAL A 368 -1.21 10.61 6.99
C VAL A 368 -0.18 11.42 6.23
N SER A 369 0.99 11.69 6.83
CA SER A 369 2.03 12.43 6.11
C SER A 369 2.41 11.74 4.80
N SER A 370 2.31 10.41 4.74
CA SER A 370 2.66 9.69 3.52
C SER A 370 1.73 10.05 2.37
N ILE A 371 0.53 10.54 2.65
CA ILE A 371 -0.43 10.93 1.62
C ILE A 371 0.14 12.12 0.86
N LEU A 372 -0.40 12.40 -0.32
CA LEU A 372 0.13 13.43 -1.21
C LEU A 372 1.50 13.02 -1.73
N HIS A 373 2.57 13.54 -1.13
CA HIS A 373 3.91 13.26 -1.64
C HIS A 373 4.28 11.81 -1.38
N PRO A 374 4.56 11.02 -2.42
CA PRO A 374 4.98 9.63 -2.17
C PRO A 374 6.31 9.58 -1.42
N ARG A 375 6.42 8.62 -0.52
CA ARG A 375 7.67 8.40 0.20
C ARG A 375 7.72 6.96 0.71
N PRO A 376 8.64 6.12 0.20
CA PRO A 376 9.66 6.38 -0.83
C PRO A 376 9.05 6.46 -2.23
N ILE A 377 9.85 6.82 -3.23
CA ILE A 377 9.39 6.93 -4.61
C ILE A 377 9.00 5.53 -5.10
N ASN A 378 8.29 5.48 -6.23
CA ASN A 378 7.83 4.20 -6.76
C ASN A 378 9.00 3.25 -6.97
N PHE A 379 8.78 1.99 -6.58
CA PHE A 379 9.86 0.99 -6.66
C PHE A 379 10.31 0.79 -8.10
N LYS A 380 9.37 0.71 -9.04
CA LYS A 380 9.66 0.43 -10.43
C LYS A 380 9.34 1.65 -11.29
N PHE A 381 10.26 1.99 -12.19
CA PHE A 381 10.08 3.07 -13.14
C PHE A 381 9.96 2.47 -14.54
N TYR A 382 8.90 2.85 -15.25
CA TYR A 382 8.61 2.28 -16.58
C TYR A 382 9.45 3.00 -17.63
N LYS A 383 10.75 2.76 -17.58
CA LYS A 383 11.70 3.27 -18.56
C LYS A 383 12.17 2.18 -19.52
N HIS A 384 11.49 1.04 -19.56
CA HIS A 384 11.89 -0.09 -20.37
C HIS A 384 11.24 -0.11 -21.75
N SER A 385 10.38 0.87 -22.06
CA SER A 385 9.71 0.95 -23.35
C SER A 385 10.40 1.89 -24.32
N MET A 386 11.60 2.38 -23.98
CA MET A 386 12.32 3.27 -24.90
C MET A 386 12.64 2.57 -26.21
N LYS A 387 13.09 1.32 -26.16
CA LYS A 387 13.40 0.61 -27.39
C LYS A 387 12.15 0.44 -28.24
N PHE A 388 11.03 0.05 -27.62
CA PHE A 388 9.80 -0.16 -28.37
C PHE A 388 9.31 1.13 -29.01
N VAL A 389 9.32 2.23 -28.26
CA VAL A 389 8.81 3.49 -28.81
C VAL A 389 9.74 4.00 -29.88
N ALA A 390 11.06 3.82 -29.73
CA ALA A 390 11.99 4.22 -30.78
C ALA A 390 11.76 3.41 -32.06
N ALA A 391 11.54 2.09 -31.92
CA ALA A 391 11.26 1.27 -33.09
C ALA A 391 9.98 1.72 -33.78
N LEU A 392 8.93 1.98 -33.00
CA LEU A 392 7.68 2.44 -33.58
C LEU A 392 7.86 3.77 -34.29
N SER A 393 8.61 4.70 -33.67
CA SER A 393 8.82 6.00 -34.28
C SER A 393 9.60 5.89 -35.58
N VAL A 394 10.65 5.07 -35.61
CA VAL A 394 11.43 4.94 -36.84
C VAL A 394 10.60 4.28 -37.94
N LEU A 395 9.79 3.28 -37.58
CA LEU A 395 8.92 2.66 -38.58
C LEU A 395 7.91 3.67 -39.12
N ALA A 396 7.33 4.48 -38.23
CA ALA A 396 6.37 5.49 -38.67
C ALA A 396 7.04 6.51 -39.59
N LEU A 397 8.25 6.95 -39.25
CA LEU A 397 8.97 7.90 -40.10
C LEU A 397 9.27 7.29 -41.46
N LEU A 398 9.70 6.03 -41.50
CA LEU A 398 9.96 5.38 -42.77
C LEU A 398 8.70 5.31 -43.63
N GLY A 399 7.59 4.89 -43.02
CA GLY A 399 6.34 4.83 -43.76
C GLY A 399 5.91 6.19 -44.26
N THR A 400 6.06 7.22 -43.43
CA THR A 400 5.64 8.56 -43.82
C THR A 400 6.49 9.10 -44.95
N ILE A 401 7.81 8.86 -44.92
CA ILE A 401 8.65 9.34 -46.01
C ILE A 401 8.32 8.60 -47.29
N TYR A 402 8.05 7.29 -47.20
CA TYR A 402 7.65 6.55 -48.39
C TYR A 402 6.35 7.12 -48.96
N SER A 403 5.37 7.37 -48.10
CA SER A 403 4.07 7.87 -48.55
C SER A 403 4.21 9.27 -49.16
N ILE A 404 5.00 10.14 -48.54
CA ILE A 404 5.15 11.50 -49.05
C ILE A 404 5.87 11.49 -50.39
N PHE A 405 6.88 10.62 -50.53
CA PHE A 405 7.55 10.51 -51.82
C PHE A 405 6.58 10.01 -52.89
N ILE A 406 5.77 9.01 -52.56
CA ILE A 406 4.81 8.48 -53.53
C ILE A 406 3.83 9.58 -53.94
N LEU A 407 3.32 10.33 -52.96
CA LEU A 407 2.37 11.41 -53.27
C LEU A 407 3.04 12.48 -54.12
N TYR A 408 4.27 12.86 -53.79
CA TYR A 408 4.97 13.87 -54.58
C TYR A 408 5.20 13.39 -56.01
N ARG A 409 5.35 12.09 -56.21
CA ARG A 409 5.45 11.54 -57.56
C ARG A 409 4.16 11.80 -58.31
N ASN A 410 4.15 11.52 -59.62
CA ASN A 410 2.99 11.74 -60.48
C ASN A 410 2.67 13.23 -60.66
N ARG A 411 3.66 14.10 -60.44
CA ARG A 411 3.51 15.53 -60.68
C ARG A 411 2.35 16.12 -59.88
N VAL A 412 2.16 15.63 -58.66
CA VAL A 412 1.16 16.17 -57.76
C VAL A 412 1.67 17.50 -57.22
N PRO A 413 0.80 18.50 -56.99
CA PRO A 413 1.29 19.78 -56.47
C PRO A 413 2.01 19.62 -55.14
N LEU A 414 3.09 20.38 -54.98
CA LEU A 414 3.89 20.30 -53.76
C LEU A 414 3.25 21.03 -52.59
N ASN A 415 2.40 22.03 -52.87
CA ASN A 415 1.85 22.86 -51.80
C ASN A 415 1.00 22.05 -50.84
N GLU A 416 0.19 21.13 -51.36
CA GLU A 416 -0.72 20.35 -50.52
C GLU A 416 -0.05 19.14 -49.89
N ILE A 417 1.23 18.90 -50.16
CA ILE A 417 1.90 17.71 -49.62
C ILE A 417 2.07 17.84 -48.11
N VAL A 418 2.36 19.04 -47.62
CA VAL A 418 2.71 19.22 -46.21
C VAL A 418 1.54 18.83 -45.31
N ILE A 419 0.33 19.29 -45.67
CA ILE A 419 -0.83 19.01 -44.82
C ILE A 419 -1.14 17.53 -44.80
N ARG A 420 -1.03 16.86 -45.95
CA ARG A 420 -1.27 15.42 -46.02
C ARG A 420 -0.23 14.66 -45.19
N ALA A 421 1.03 15.08 -45.26
CA ALA A 421 2.07 14.43 -44.47
C ALA A 421 1.81 14.62 -42.99
N LEU A 422 1.40 15.82 -42.57
CA LEU A 422 1.07 16.05 -41.16
C LEU A 422 -0.09 15.17 -40.73
N ASP A 423 -1.13 15.06 -41.57
CA ASP A 423 -2.25 14.19 -41.24
C ASP A 423 -1.79 12.74 -41.10
N LEU A 424 -0.93 12.28 -42.00
CA LEU A 424 -0.43 10.92 -41.92
C LEU A 424 0.36 10.69 -40.63
N VAL A 425 1.22 11.64 -40.26
CA VAL A 425 2.06 11.44 -39.07
C VAL A 425 1.28 11.63 -37.78
N THR A 426 0.12 12.31 -37.81
CA THR A 426 -0.66 12.48 -36.59
C THR A 426 -1.20 11.15 -36.06
N VAL A 427 -1.17 10.09 -36.86
CA VAL A 427 -1.70 8.80 -36.44
C VAL A 427 -0.86 8.14 -35.36
N VAL A 428 0.33 8.66 -35.07
CA VAL A 428 1.21 8.01 -34.11
C VAL A 428 0.56 7.95 -32.73
N VAL A 429 -0.05 9.04 -32.30
CA VAL A 429 -0.65 9.12 -30.96
C VAL A 429 -2.10 9.56 -31.08
N PRO A 430 -3.04 8.64 -31.28
CA PRO A 430 -4.44 9.03 -31.27
C PRO A 430 -4.84 9.58 -29.92
N PRO A 431 -5.83 10.48 -29.87
CA PRO A 431 -6.19 11.09 -28.59
C PRO A 431 -6.76 10.11 -27.59
N ALA A 432 -7.22 8.93 -28.02
CA ALA A 432 -7.86 7.99 -27.11
C ALA A 432 -6.86 7.20 -26.28
N LEU A 433 -5.56 7.35 -26.53
CA LEU A 433 -4.56 6.60 -25.77
C LEU A 433 -4.59 6.93 -24.29
N PRO A 434 -4.33 8.17 -23.86
CA PRO A 434 -4.31 8.44 -22.41
C PRO A 434 -5.63 8.14 -21.73
N ALA A 435 -6.76 8.45 -22.37
CA ALA A 435 -8.05 8.22 -21.73
C ALA A 435 -8.32 6.74 -21.51
N ALA A 436 -8.01 5.91 -22.50
CA ALA A 436 -8.31 4.49 -22.39
C ALA A 436 -7.31 3.77 -21.50
N MET A 437 -6.05 4.22 -21.47
CA MET A 437 -5.06 3.51 -20.67
C MET A 437 -5.23 3.76 -19.18
N THR A 438 -5.84 4.88 -18.81
CA THR A 438 -5.98 5.26 -17.41
C THR A 438 -7.29 4.81 -16.78
N VAL A 439 -8.16 4.13 -17.53
CA VAL A 439 -9.45 3.72 -16.99
C VAL A 439 -9.47 2.27 -16.53
N CYS A 440 -8.51 1.44 -16.97
CA CYS A 440 -8.48 0.05 -16.54
C CYS A 440 -8.29 -0.07 -15.04
N THR A 441 -7.38 0.73 -14.47
CA THR A 441 -7.15 0.68 -13.03
C THR A 441 -8.39 1.12 -12.27
N LEU A 442 -9.05 2.17 -12.72
CA LEU A 442 -10.26 2.63 -12.04
C LEU A 442 -11.36 1.58 -12.11
N TYR A 443 -11.53 0.95 -13.27
CA TYR A 443 -12.54 -0.09 -13.40
C TYR A 443 -12.23 -1.28 -12.49
N ALA A 444 -10.96 -1.67 -12.41
CA ALA A 444 -10.57 -2.77 -11.53
C ALA A 444 -10.81 -2.39 -10.07
N GLN A 445 -10.59 -1.12 -9.70
CA GLN A 445 -10.81 -0.69 -8.33
C GLN A 445 -12.25 -0.91 -7.88
N SER A 446 -13.20 -0.98 -8.82
CA SER A 446 -14.59 -1.21 -8.45
C SER A 446 -14.79 -2.55 -7.76
N ARG A 447 -13.91 -3.53 -8.03
CA ARG A 447 -14.04 -4.83 -7.38
C ARG A 447 -13.88 -4.71 -5.88
N LEU A 448 -12.92 -3.89 -5.43
CA LEU A 448 -12.65 -3.78 -3.99
C LEU A 448 -13.89 -3.37 -3.21
N ARG A 449 -14.78 -2.58 -3.82
CA ARG A 449 -16.00 -2.17 -3.14
C ARG A 449 -16.88 -3.36 -2.80
N ARG A 450 -17.03 -4.29 -3.74
CA ARG A 450 -17.87 -5.47 -3.52
C ARG A 450 -17.12 -6.55 -2.75
N GLN A 451 -15.99 -7.00 -3.30
CA GLN A 451 -15.16 -8.02 -2.67
C GLN A 451 -13.89 -7.38 -2.11
N GLY A 452 -13.28 -8.08 -1.16
CA GLY A 452 -12.10 -7.55 -0.49
C GLY A 452 -10.89 -7.54 -1.40
N ILE A 453 -9.84 -6.83 -0.96
CA ILE A 453 -9.76 -6.12 0.32
C ILE A 453 -10.33 -4.71 0.19
N PHE A 454 -10.66 -4.11 1.32
CA PHE A 454 -11.16 -2.74 1.36
C PHE A 454 -9.97 -1.80 1.53
N CYS A 455 -9.46 -1.31 0.40
CA CYS A 455 -8.29 -0.44 0.37
C CYS A 455 -8.70 0.97 -0.05
N ILE A 456 -7.81 1.91 0.19
CA ILE A 456 -8.04 3.30 -0.16
C ILE A 456 -8.18 3.44 -1.67
N PRO A 458 -3.85 3.54 -3.88
CA PRO A 458 -4.50 3.18 -5.14
C PRO A 458 -3.50 2.76 -6.22
N LEU A 459 -2.43 3.54 -6.39
CA LEU A 459 -1.42 3.24 -7.38
C LEU A 459 -0.52 2.08 -6.97
N ARG A 460 -0.30 1.87 -5.67
CA ARG A 460 0.62 0.85 -5.19
C ARG A 460 0.06 -0.56 -5.31
N ILE A 461 -1.13 -0.73 -5.88
CA ILE A 461 -1.69 -2.06 -6.02
C ILE A 461 -0.86 -2.93 -6.96
N ASN A 462 -0.08 -2.33 -7.85
CA ASN A 462 0.70 -3.06 -8.83
C ASN A 462 2.04 -3.56 -8.30
N LEU A 463 2.41 -3.20 -7.07
CA LEU A 463 3.68 -3.65 -6.53
C LEU A 463 3.73 -5.16 -6.29
N GLY A 464 2.57 -5.81 -6.24
CA GLY A 464 2.50 -7.24 -6.02
C GLY A 464 2.56 -8.09 -7.27
N GLY A 465 2.84 -7.50 -8.43
CA GLY A 465 2.86 -8.27 -9.65
C GLY A 465 3.91 -9.36 -9.66
N LYS A 466 5.11 -9.06 -9.15
CA LYS A 466 6.24 -9.98 -9.18
C LYS A 466 6.70 -10.36 -7.77
N LEU A 467 5.77 -10.44 -6.83
CA LEU A 467 6.12 -10.87 -5.48
C LEU A 467 6.48 -12.35 -5.47
N GLN A 468 7.40 -12.71 -4.57
CA GLN A 468 7.86 -14.09 -4.48
C GLN A 468 8.01 -14.57 -3.04
N LEU A 469 7.41 -13.87 -2.07
CA LEU A 469 7.50 -14.26 -0.67
C LEU A 469 6.25 -13.80 0.05
N VAL A 470 5.97 -14.45 1.19
CA VAL A 470 4.82 -14.13 2.01
C VAL A 470 5.13 -14.51 3.45
N CYS A 471 4.55 -13.76 4.39
CA CYS A 471 4.74 -13.98 5.81
C CYS A 471 3.40 -13.94 6.53
N PHE A 472 3.34 -14.62 7.68
CA PHE A 472 2.13 -14.69 8.46
C PHE A 472 2.48 -14.59 9.94
N ASP A 473 1.50 -14.17 10.73
CA ASP A 473 1.65 -14.02 12.18
C ASP A 473 0.75 -15.03 12.88
N LYS A 474 1.31 -15.74 13.85
CA LYS A 474 0.58 -16.78 14.57
C LYS A 474 -0.18 -16.25 15.78
N THR A 475 -0.08 -14.96 16.07
CA THR A 475 -0.70 -14.42 17.27
C THR A 475 -2.22 -14.63 17.24
N GLY A 476 -2.87 -14.21 16.17
CA GLY A 476 -4.31 -14.37 16.04
C GLY A 476 -4.77 -14.86 14.68
N THR A 477 -3.87 -14.86 13.70
CA THR A 477 -4.26 -15.28 12.36
C THR A 477 -4.48 -16.78 12.28
N LEU A 478 -3.57 -17.57 12.86
CA LEU A 478 -3.67 -19.02 12.82
C LEU A 478 -4.44 -19.60 14.01
N THR A 479 -4.83 -18.77 14.98
CA THR A 479 -5.54 -19.25 16.16
C THR A 479 -6.68 -18.30 16.49
N GLU A 480 -7.72 -18.84 17.11
CA GLU A 480 -8.88 -18.04 17.50
C GLU A 480 -8.49 -17.05 18.60
N ASP A 481 -9.14 -15.88 18.57
CA ASP A 481 -8.84 -14.86 19.56
C ASP A 481 -9.13 -15.34 20.98
N GLY A 482 -10.27 -15.99 21.18
CA GLY A 482 -10.57 -16.57 22.48
C GLY A 482 -9.75 -17.80 22.75
N LEU A 483 -9.44 -18.00 24.04
CA LEU A 483 -8.66 -19.15 24.49
C LEU A 483 -9.52 -20.05 25.36
N ASP A 484 -9.26 -21.35 25.29
CA ASP A 484 -10.01 -22.37 26.01
C ASP A 484 -9.18 -22.86 27.19
N VAL A 485 -9.80 -22.87 28.38
CA VAL A 485 -9.11 -23.33 29.58
C VAL A 485 -8.88 -24.83 29.49
N MET A 486 -7.65 -25.25 29.77
CA MET A 486 -7.27 -26.67 29.72
C MET A 486 -6.94 -27.23 31.08
N GLY A 487 -6.19 -26.49 31.91
CA GLY A 487 -5.84 -26.97 33.23
C GLY A 487 -4.85 -26.04 33.89
N VAL A 488 -4.62 -26.32 35.17
CA VAL A 488 -3.68 -25.52 35.97
C VAL A 488 -3.08 -26.44 37.02
N VAL A 489 -1.81 -26.21 37.33
CA VAL A 489 -1.08 -27.00 38.31
C VAL A 489 -0.52 -26.08 39.39
N PRO A 490 -0.80 -26.33 40.68
CA PRO A 490 -0.21 -25.49 41.73
C PRO A 490 1.17 -25.97 42.16
N LEU A 491 1.85 -25.19 42.99
CA LEU A 491 3.16 -25.56 43.51
C LEU A 491 3.23 -25.26 45.00
N LYS A 492 2.14 -25.51 45.71
CA LYS A 492 2.07 -25.32 47.16
C LYS A 492 1.59 -26.61 47.80
N GLY A 493 2.06 -26.86 49.01
CA GLY A 493 1.78 -28.11 49.71
C GLY A 493 2.80 -29.18 49.39
N GLN A 494 3.16 -29.33 48.12
CA GLN A 494 4.19 -30.25 47.67
C GLN A 494 5.36 -29.43 47.13
N ALA A 495 6.57 -29.79 47.54
CA ALA A 495 7.75 -28.99 47.17
C ALA A 495 7.91 -28.92 45.66
N PHE A 496 7.94 -30.07 44.99
CA PHE A 496 8.12 -30.11 43.55
C PHE A 496 7.27 -31.16 42.85
N LEU A 497 6.41 -31.88 43.55
CA LEU A 497 5.63 -32.93 42.91
C LEU A 497 4.65 -32.33 41.90
N PRO A 498 4.47 -32.99 40.75
CA PRO A 498 3.55 -32.43 39.75
C PRO A 498 2.11 -32.33 40.22
N LEU A 499 1.69 -33.18 41.17
CA LEU A 499 0.31 -33.20 41.62
C LEU A 499 -0.60 -33.61 40.47
N VAL A 500 -1.81 -33.07 40.41
CA VAL A 500 -2.77 -33.37 39.35
C VAL A 500 -3.16 -32.06 38.69
N PRO A 501 -2.94 -31.89 37.37
CA PRO A 501 -3.37 -30.65 36.70
C PRO A 501 -4.79 -30.74 36.17
N GLU A 502 -5.65 -29.79 36.57
CA GLU A 502 -6.99 -29.69 36.03
C GLU A 502 -7.60 -28.35 36.41
N PRO A 503 -8.50 -27.79 35.59
CA PRO A 503 -9.13 -26.51 35.94
C PRO A 503 -10.29 -26.72 36.90
N ARG A 504 -10.10 -26.32 38.15
CA ARG A 504 -11.12 -26.46 39.18
C ARG A 504 -11.02 -25.31 40.15
N ARG A 505 -12.18 -24.85 40.64
CA ARG A 505 -12.25 -23.80 41.64
C ARG A 505 -12.29 -24.33 43.06
N LEU A 506 -12.29 -25.65 43.24
CA LEU A 506 -12.32 -26.23 44.59
C LEU A 506 -11.13 -25.79 45.44
N PRO A 507 -9.88 -25.92 44.97
CA PRO A 507 -8.75 -25.49 45.81
C PRO A 507 -8.81 -24.00 46.10
N VAL A 508 -8.37 -23.64 47.31
CA VAL A 508 -8.35 -22.25 47.75
C VAL A 508 -6.96 -21.95 48.31
N GLY A 509 -6.63 -20.66 48.31
CA GLY A 509 -5.34 -20.21 48.78
C GLY A 509 -4.85 -18.99 48.03
N PRO A 510 -3.54 -18.73 48.08
CA PRO A 510 -3.02 -17.55 47.37
C PRO A 510 -3.26 -17.58 45.88
N LEU A 511 -3.32 -18.78 45.28
CA LEU A 511 -3.53 -18.87 43.84
C LEU A 511 -4.89 -18.31 43.44
N LEU A 512 -5.92 -18.57 44.26
CA LEU A 512 -7.25 -18.06 43.95
C LEU A 512 -7.26 -16.54 43.86
N ARG A 513 -6.67 -15.87 44.86
CA ARG A 513 -6.63 -14.42 44.83
C ARG A 513 -5.71 -13.90 43.74
N ALA A 514 -4.63 -14.62 43.44
CA ALA A 514 -3.73 -14.20 42.36
C ALA A 514 -4.47 -14.21 41.03
N LEU A 515 -5.21 -15.28 40.75
CA LEU A 515 -5.93 -15.37 39.48
C LEU A 515 -7.11 -14.40 39.44
N ALA A 516 -7.76 -14.18 40.59
CA ALA A 516 -8.94 -13.31 40.61
C ALA A 516 -8.57 -11.87 40.25
N THR A 517 -7.44 -11.38 40.75
CA THR A 517 -7.06 -9.98 40.61
C THR A 517 -6.01 -9.75 39.52
N CYS A 518 -5.69 -10.77 38.73
CA CYS A 518 -4.68 -10.65 37.67
C CYS A 518 -5.42 -10.55 36.33
N HIS A 519 -5.75 -9.33 35.93
CA HIS A 519 -6.41 -9.07 34.66
C HIS A 519 -6.52 -7.56 34.47
N ALA A 520 -7.05 -7.17 33.32
CA ALA A 520 -7.23 -5.76 32.96
C ALA A 520 -8.59 -5.55 32.31
N LEU A 521 -9.63 -6.14 32.90
CA LEU A 521 -10.97 -6.02 32.36
C LEU A 521 -11.51 -4.60 32.54
N SER A 522 -12.47 -4.24 31.70
CA SER A 522 -13.19 -2.98 31.79
C SER A 522 -14.68 -3.24 31.73
N ARG A 523 -15.44 -2.45 32.47
CA ARG A 523 -16.88 -2.62 32.59
C ARG A 523 -17.58 -1.30 32.35
N LEU A 524 -18.74 -1.37 31.70
CA LEU A 524 -19.61 -0.20 31.51
C LEU A 524 -21.05 -0.70 31.50
N GLN A 525 -21.68 -0.68 32.68
CA GLN A 525 -23.07 -1.08 32.83
C GLN A 525 -23.36 -2.39 32.11
N ASP A 526 -22.41 -3.32 32.12
CA ASP A 526 -22.56 -4.61 31.46
C ASP A 526 -21.46 -5.53 31.96
N THR A 527 -21.35 -6.71 31.35
CA THR A 527 -20.34 -7.66 31.75
C THR A 527 -18.94 -7.15 31.37
N PRO A 528 -17.91 -7.59 32.10
CA PRO A 528 -16.56 -7.11 31.80
C PRO A 528 -16.12 -7.50 30.39
N VAL A 529 -15.35 -6.61 29.76
CA VAL A 529 -14.80 -6.84 28.44
C VAL A 529 -13.33 -6.45 28.45
N GLY A 530 -12.59 -6.98 27.48
CA GLY A 530 -11.17 -6.70 27.39
C GLY A 530 -10.45 -7.80 26.62
N ASP A 531 -9.21 -8.04 27.01
CA ASP A 531 -8.41 -9.07 26.35
C ASP A 531 -9.09 -10.43 26.54
N PRO A 532 -9.21 -11.24 25.47
CA PRO A 532 -9.88 -12.54 25.65
C PRO A 532 -9.21 -13.43 26.69
N MET A 533 -7.88 -13.40 26.78
CA MET A 533 -7.20 -14.24 27.75
C MET A 533 -7.54 -13.83 29.18
N ASP A 534 -7.61 -12.52 29.45
CA ASP A 534 -7.94 -12.05 30.79
C ASP A 534 -9.34 -12.48 31.21
N LEU A 535 -10.32 -12.30 30.31
CA LEU A 535 -11.68 -12.68 30.65
C LEU A 535 -11.80 -14.19 30.79
N LYS A 536 -11.04 -14.94 29.98
CA LYS A 536 -11.04 -16.39 30.12
C LYS A 536 -10.46 -16.82 31.47
N MET A 537 -9.41 -16.15 31.94
CA MET A 537 -8.91 -16.46 33.28
C MET A 537 -9.95 -16.13 34.35
N VAL A 538 -10.50 -14.92 34.30
CA VAL A 538 -11.34 -14.46 35.40
C VAL A 538 -12.63 -15.29 35.46
N GLU A 539 -13.18 -15.66 34.31
CA GLU A 539 -14.45 -16.39 34.32
C GLU A 539 -14.31 -17.77 34.97
N SER A 540 -13.08 -18.31 35.05
CA SER A 540 -12.90 -19.62 35.66
C SER A 540 -13.29 -19.59 37.14
N THR A 541 -12.85 -18.56 37.86
CA THR A 541 -13.19 -18.45 39.27
C THR A 541 -14.64 -18.01 39.49
N GLY A 542 -15.20 -17.26 38.54
CA GLY A 542 -16.57 -16.80 38.63
C GLY A 542 -16.76 -15.52 39.42
N TRP A 543 -15.71 -14.97 40.01
CA TRP A 543 -15.84 -13.73 40.76
C TRP A 543 -16.14 -12.57 39.81
N VAL A 544 -16.92 -11.61 40.31
CA VAL A 544 -17.32 -10.45 39.53
C VAL A 544 -17.01 -9.19 40.33
N LEU A 545 -16.71 -8.11 39.62
CA LEU A 545 -16.41 -6.81 40.21
C LEU A 545 -17.51 -5.83 39.86
N GLU A 546 -18.07 -5.17 40.88
CA GLU A 546 -19.15 -4.22 40.67
C GLU A 546 -19.09 -3.16 41.76
N GLU A 547 -19.70 -2.02 41.48
CA GLU A 547 -19.74 -0.91 42.42
C GLU A 547 -21.01 -0.93 43.25
N GLU A 569 -12.73 0.48 48.15
CA GLU A 569 -13.36 1.28 47.12
C GLU A 569 -14.33 0.43 46.30
N PRO A 570 -15.28 1.07 45.61
CA PRO A 570 -16.26 0.33 44.80
C PRO A 570 -15.75 -0.15 43.45
N GLN A 571 -14.45 -0.05 43.20
CA GLN A 571 -13.87 -0.49 41.94
C GLN A 571 -12.63 -1.36 42.09
N LEU A 572 -12.12 -1.56 43.29
CA LEU A 572 -10.93 -2.35 43.54
C LEU A 572 -11.19 -3.39 44.62
N GLN A 573 -12.38 -4.00 44.60
CA GLN A 573 -12.74 -5.04 45.56
C GLN A 573 -13.48 -6.15 44.83
N ALA A 574 -13.10 -7.38 45.11
CA ALA A 574 -13.72 -8.54 44.48
C ALA A 574 -15.04 -8.87 45.17
N MET A 575 -15.69 -9.94 44.71
CA MET A 575 -16.95 -10.39 45.27
C MET A 575 -16.94 -11.91 45.39
N GLU A 576 -17.71 -12.41 46.35
CA GLU A 576 -17.83 -13.85 46.60
C GLU A 576 -16.47 -14.45 46.98
N GLU A 577 -15.89 -13.90 48.05
CA GLU A 577 -14.61 -14.38 48.58
C GLU A 577 -14.85 -15.17 49.85
N PRO A 578 -14.75 -16.50 49.83
CA PRO A 578 -14.98 -17.28 51.04
C PRO A 578 -13.99 -16.93 52.15
N PRO A 579 -12.68 -17.02 51.89
CA PRO A 579 -11.72 -16.84 52.98
C PRO A 579 -11.66 -15.42 53.50
N VAL A 580 -11.57 -14.45 52.61
CA VAL A 580 -11.48 -13.03 52.99
C VAL A 580 -11.59 -12.18 51.73
N PRO A 581 -12.24 -11.02 51.80
CA PRO A 581 -12.28 -10.14 50.61
C PRO A 581 -10.88 -9.74 50.18
N VAL A 582 -10.70 -9.62 48.86
CA VAL A 582 -9.42 -9.29 48.26
C VAL A 582 -9.58 -7.97 47.50
N SER A 583 -8.66 -7.05 47.71
CA SER A 583 -8.65 -5.75 47.05
C SER A 583 -7.37 -5.61 46.22
N VAL A 584 -7.29 -4.52 45.47
CA VAL A 584 -6.15 -4.22 44.62
C VAL A 584 -5.67 -2.80 44.92
N LEU A 585 -4.36 -2.59 44.79
CA LEU A 585 -3.74 -1.29 45.03
C LEU A 585 -3.40 -0.57 43.74
N HIS A 586 -2.69 -1.22 42.82
CA HIS A 586 -2.30 -0.62 41.55
C HIS A 586 -2.53 -1.64 40.43
N ARG A 587 -2.78 -1.12 39.23
CA ARG A 587 -3.02 -1.94 38.06
C ARG A 587 -2.20 -1.42 36.90
N PHE A 588 -1.65 -2.33 36.10
CA PHE A 588 -0.83 -1.99 34.95
C PHE A 588 -1.30 -2.75 33.73
N PRO A 589 -1.04 -2.23 32.53
CA PRO A 589 -1.45 -2.93 31.31
C PRO A 589 -0.57 -4.13 31.00
N PHE A 590 -0.76 -4.74 29.83
CA PHE A 590 -0.02 -5.93 29.44
C PHE A 590 0.78 -5.66 28.17
N SER A 591 1.48 -4.53 28.13
CA SER A 591 2.27 -4.19 26.96
C SER A 591 3.27 -5.29 26.63
N SER A 592 3.38 -5.60 25.34
CA SER A 592 4.24 -6.69 24.88
C SER A 592 5.72 -6.37 25.01
N ALA A 593 6.08 -5.11 25.29
CA ALA A 593 7.49 -4.75 25.38
C ALA A 593 8.18 -5.55 26.48
N LEU A 594 7.57 -5.63 27.65
CA LEU A 594 8.10 -6.41 28.77
C LEU A 594 7.49 -7.80 28.86
N GLN A 595 6.51 -8.12 28.02
CA GLN A 595 5.83 -9.40 28.01
C GLN A 595 5.54 -9.90 29.43
N ARG A 596 5.13 -8.99 30.30
CA ARG A 596 4.80 -9.35 31.68
C ARG A 596 4.04 -8.19 32.31
N MET A 597 3.40 -8.47 33.45
CA MET A 597 2.66 -7.47 34.18
C MET A 597 2.77 -7.77 35.66
N SER A 598 2.56 -6.73 36.47
CA SER A 598 2.65 -6.83 37.93
C SER A 598 1.41 -6.21 38.55
N VAL A 599 1.09 -6.68 39.75
CA VAL A 599 -0.08 -6.19 40.49
C VAL A 599 0.17 -6.40 41.96
N VAL A 600 -0.36 -5.50 42.78
CA VAL A 600 -0.25 -5.56 44.23
C VAL A 600 -1.61 -5.92 44.80
N VAL A 601 -1.66 -6.97 45.61
CA VAL A 601 -2.89 -7.48 46.18
C VAL A 601 -2.82 -7.36 47.69
N ALA A 602 -3.84 -6.72 48.28
CA ALA A 602 -3.92 -6.56 49.73
C ALA A 602 -5.34 -6.84 50.18
N TRP A 603 -5.47 -7.40 51.37
CA TRP A 603 -6.76 -7.71 51.97
C TRP A 603 -6.78 -7.24 53.41
N PRO A 604 -7.96 -6.96 53.97
CA PRO A 604 -8.03 -6.50 55.36
C PRO A 604 -7.43 -7.52 56.31
N GLY A 605 -6.72 -7.03 57.32
CA GLY A 605 -6.05 -7.87 58.28
C GLY A 605 -4.73 -8.44 57.82
N ALA A 606 -4.27 -8.11 56.61
CA ALA A 606 -3.00 -8.62 56.12
C ALA A 606 -1.84 -7.93 56.81
N THR A 607 -0.79 -8.70 57.12
CA THR A 607 0.38 -8.12 57.75
C THR A 607 1.06 -7.11 56.83
N GLN A 608 1.17 -7.41 55.56
CA GLN A 608 1.77 -6.51 54.58
C GLN A 608 1.21 -6.85 53.20
N PRO A 609 1.21 -5.90 52.27
CA PRO A 609 0.70 -6.19 50.93
C PRO A 609 1.59 -7.22 50.22
N GLU A 610 0.95 -8.01 49.36
CA GLU A 610 1.63 -9.04 48.59
C GLU A 610 1.57 -8.69 47.11
N ALA A 611 2.72 -8.75 46.44
CA ALA A 611 2.84 -8.44 45.03
C ALA A 611 2.80 -9.72 44.20
N TYR A 612 2.21 -9.61 43.00
CA TYR A 612 2.08 -10.73 42.09
C TYR A 612 2.51 -10.30 40.70
N VAL A 613 3.29 -11.17 40.04
CA VAL A 613 3.80 -10.91 38.71
C VAL A 613 3.58 -12.16 37.87
N LYS A 614 3.12 -11.96 36.63
CA LYS A 614 2.91 -13.04 35.69
C LYS A 614 3.51 -12.67 34.34
N GLY A 615 3.97 -13.67 33.61
CA GLY A 615 4.60 -13.43 32.33
C GLY A 615 5.11 -14.73 31.73
N SER A 616 5.90 -14.58 30.68
CA SER A 616 6.46 -15.75 30.01
C SER A 616 7.35 -16.53 30.96
N PRO A 617 7.27 -17.86 30.98
CA PRO A 617 8.10 -18.64 31.91
C PRO A 617 9.59 -18.51 31.65
N GLU A 618 10.00 -18.09 30.46
CA GLU A 618 11.42 -18.05 30.14
C GLU A 618 12.17 -17.07 31.03
N LEU A 619 11.59 -15.89 31.27
CA LEU A 619 12.29 -14.82 31.97
C LEU A 619 11.94 -14.73 33.45
N VAL A 620 10.80 -15.27 33.87
CA VAL A 620 10.40 -15.18 35.27
C VAL A 620 11.40 -15.94 36.14
N ALA A 621 11.90 -17.08 35.65
CA ALA A 621 12.84 -17.86 36.44
C ALA A 621 14.13 -17.09 36.71
N GLY A 622 14.63 -16.36 35.70
CA GLY A 622 15.89 -15.64 35.88
C GLY A 622 15.82 -14.61 36.99
N LEU A 623 14.75 -13.80 37.00
CA LEU A 623 14.60 -12.77 38.02
C LEU A 623 14.18 -13.34 39.37
N CYS A 624 13.65 -14.56 39.40
CA CYS A 624 13.22 -15.17 40.65
C CYS A 624 14.42 -15.79 41.36
N ASN A 625 14.17 -16.30 42.57
CA ASN A 625 15.22 -16.93 43.36
C ASN A 625 15.73 -18.18 42.62
N PRO A 626 17.04 -18.28 42.36
CA PRO A 626 17.52 -19.47 41.63
C PRO A 626 17.17 -20.79 42.32
N GLU A 627 17.23 -20.84 43.65
CA GLU A 627 16.98 -22.07 44.38
C GLU A 627 15.51 -22.20 44.80
N THR A 628 14.60 -21.95 43.85
CA THR A 628 13.18 -22.14 44.09
C THR A 628 12.55 -22.96 42.97
N VAL A 629 13.13 -22.90 41.79
CA VAL A 629 12.60 -23.59 40.61
C VAL A 629 12.89 -25.08 40.72
N PRO A 630 12.00 -25.96 40.26
CA PRO A 630 12.31 -27.39 40.28
C PRO A 630 13.49 -27.71 39.37
N THR A 631 14.23 -28.75 39.74
CA THR A 631 15.39 -29.15 38.94
C THR A 631 14.99 -29.57 37.53
N ASP A 632 13.84 -30.24 37.38
CA ASP A 632 13.34 -30.69 36.09
C ASP A 632 12.29 -29.76 35.53
N PHE A 633 12.43 -28.46 35.76
CA PHE A 633 11.46 -27.49 35.26
C PHE A 633 11.40 -27.49 33.74
N ALA A 634 12.53 -27.81 33.08
CA ALA A 634 12.52 -27.84 31.62
C ALA A 634 11.55 -28.90 31.12
N GLN A 635 11.57 -30.09 31.72
CA GLN A 635 10.62 -31.12 31.33
C GLN A 635 9.19 -30.67 31.58
N MET A 636 8.94 -30.04 32.73
CA MET A 636 7.59 -29.59 33.06
C MET A 636 7.07 -28.59 32.04
N LEU A 637 7.92 -27.63 31.64
CA LEU A 637 7.46 -26.60 30.72
C LEU A 637 7.38 -27.12 29.28
N GLN A 638 8.22 -28.07 28.89
CA GLN A 638 8.22 -28.58 27.53
C GLN A 638 7.27 -29.76 27.33
N SER A 639 6.69 -30.29 28.41
CA SER A 639 5.72 -31.38 28.24
C SER A 639 4.52 -30.93 27.42
N TYR A 640 4.00 -29.75 27.70
CA TYR A 640 2.85 -29.23 26.96
C TYR A 640 3.23 -28.61 25.62
N THR A 641 4.51 -28.32 25.40
CA THR A 641 4.92 -27.73 24.13
C THR A 641 4.69 -28.71 22.98
N ALA A 642 4.97 -30.00 23.20
CA ALA A 642 4.79 -30.98 22.14
C ALA A 642 3.35 -31.08 21.67
N ALA A 643 2.39 -30.72 22.52
CA ALA A 643 0.98 -30.76 22.17
C ALA A 643 0.49 -29.47 21.54
N GLY A 644 1.36 -28.48 21.37
CA GLY A 644 0.96 -27.22 20.77
C GLY A 644 0.30 -26.24 21.70
N TYR A 645 0.20 -26.56 22.98
CA TYR A 645 -0.44 -25.68 23.95
C TYR A 645 0.54 -24.60 24.42
N ARG A 646 -0.02 -23.56 25.04
CA ARG A 646 0.75 -22.44 25.58
C ARG A 646 0.71 -22.48 27.10
N VAL A 647 1.86 -22.21 27.72
CA VAL A 647 2.00 -22.30 29.17
C VAL A 647 2.52 -20.97 29.70
N VAL A 648 1.98 -20.54 30.84
CA VAL A 648 2.38 -19.31 31.51
C VAL A 648 2.69 -19.64 32.96
N ALA A 649 3.51 -18.81 33.60
CA ALA A 649 3.96 -19.02 34.95
C ALA A 649 3.49 -17.87 35.85
N LEU A 650 3.27 -18.19 37.11
CA LEU A 650 2.84 -17.23 38.12
C LEU A 650 3.88 -17.14 39.23
N ALA A 651 3.91 -15.99 39.90
CA ALA A 651 4.86 -15.77 40.99
C ALA A 651 4.23 -14.83 42.01
N SER A 652 4.77 -14.88 43.22
CA SER A 652 4.27 -14.06 44.31
C SER A 652 5.36 -13.88 45.35
N LYS A 653 5.20 -12.85 46.18
CA LYS A 653 6.14 -12.57 47.26
C LYS A 653 5.53 -11.56 48.22
N PRO A 654 5.61 -11.78 49.54
CA PRO A 654 5.04 -10.79 50.49
C PRO A 654 6.00 -9.62 50.76
N LEU A 655 6.01 -8.68 49.83
CA LEU A 655 6.90 -7.52 49.96
C LEU A 655 6.39 -6.62 51.09
N PRO A 656 7.21 -6.31 52.09
CA PRO A 656 6.79 -5.42 53.16
C PRO A 656 6.75 -3.97 52.69
N THR A 657 6.29 -3.10 53.59
CA THR A 657 6.20 -1.67 53.29
C THR A 657 7.58 -1.10 52.99
N ARG A 669 9.66 1.88 41.04
CA ARG A 669 8.65 0.95 40.56
C ARG A 669 9.29 -0.37 40.14
N ASP A 670 10.53 -0.30 39.64
CA ASP A 670 11.24 -1.50 39.22
C ASP A 670 11.66 -2.38 40.39
N THR A 671 11.54 -1.89 41.62
CA THR A 671 11.97 -2.66 42.78
C THR A 671 11.05 -3.85 43.05
N VAL A 672 9.83 -3.83 42.54
CA VAL A 672 8.88 -4.92 42.83
C VAL A 672 9.12 -6.15 41.96
N GLU A 673 10.10 -6.10 41.06
CA GLU A 673 10.49 -7.27 40.25
C GLU A 673 11.80 -7.86 40.72
N GLY A 674 12.03 -7.88 42.04
CA GLY A 674 13.27 -8.39 42.58
C GLY A 674 13.32 -9.90 42.66
N ASP A 675 13.78 -10.43 43.79
CA ASP A 675 13.91 -11.87 43.99
C ASP A 675 12.53 -12.46 44.26
N LEU A 676 11.74 -12.56 43.19
CA LEU A 676 10.40 -13.13 43.28
C LEU A 676 10.48 -14.65 43.37
N SER A 677 9.35 -15.25 43.74
CA SER A 677 9.22 -16.69 43.85
C SER A 677 8.03 -17.16 43.03
N LEU A 678 8.26 -18.12 42.15
CA LEU A 678 7.19 -18.66 41.32
C LEU A 678 6.18 -19.41 42.19
N LEU A 679 4.91 -19.33 41.78
CA LEU A 679 3.82 -19.93 42.52
C LEU A 679 3.13 -21.08 41.78
N GLY A 680 3.13 -21.09 40.46
CA GLY A 680 2.49 -22.15 39.73
C GLY A 680 2.58 -21.89 38.23
N LEU A 681 1.95 -22.79 37.47
CA LEU A 681 1.93 -22.72 36.02
C LEU A 681 0.51 -22.93 35.52
N LEU A 682 0.19 -22.26 34.42
CA LEU A 682 -1.12 -22.36 33.79
C LEU A 682 -0.93 -22.61 32.30
N VAL A 683 -1.71 -23.54 31.76
CA VAL A 683 -1.61 -23.95 30.36
C VAL A 683 -2.94 -23.65 29.68
N MET A 684 -2.87 -23.00 28.53
CA MET A 684 -4.04 -22.66 27.72
C MET A 684 -4.03 -23.47 26.43
N ARG A 685 -5.14 -23.36 25.69
CA ARG A 685 -5.31 -24.05 24.42
C ARG A 685 -5.51 -23.03 23.31
N ASN A 686 -4.83 -23.27 22.18
CA ASN A 686 -4.89 -22.39 21.02
C ASN A 686 -5.36 -23.23 19.82
N LEU A 687 -6.68 -23.29 19.63
CA LEU A 687 -7.23 -24.05 18.52
C LEU A 687 -6.89 -23.38 17.19
N LEU A 688 -6.59 -24.19 16.19
CA LEU A 688 -6.25 -23.70 14.86
C LEU A 688 -7.51 -23.61 14.00
N LYS A 689 -7.55 -22.61 13.13
CA LYS A 689 -8.70 -22.43 12.26
C LYS A 689 -8.78 -23.59 11.27
N PRO A 690 -9.94 -24.23 11.10
CA PRO A 690 -10.03 -25.34 10.14
C PRO A 690 -9.77 -24.90 8.70
N GLN A 691 -9.97 -23.62 8.39
CA GLN A 691 -9.84 -23.11 7.03
C GLN A 691 -8.42 -22.68 6.70
N THR A 692 -7.48 -22.75 7.64
CA THR A 692 -6.12 -22.34 7.36
C THR A 692 -5.37 -23.38 6.53
N THR A 693 -5.55 -24.66 6.83
CA THR A 693 -4.76 -25.68 6.16
C THR A 693 -5.01 -25.73 4.64
N PRO A 694 -6.26 -25.71 4.16
CA PRO A 694 -6.44 -25.88 2.71
C PRO A 694 -5.95 -24.68 1.91
N VAL A 695 -6.22 -23.46 2.38
CA VAL A 695 -5.75 -22.27 1.67
C VAL A 695 -4.22 -22.24 1.63
N ILE A 696 -3.58 -22.55 2.75
CA ILE A 696 -2.13 -22.55 2.79
C ILE A 696 -1.57 -23.62 1.87
N GLN A 697 -2.16 -24.82 1.88
CA GLN A 697 -1.69 -25.88 1.01
C GLN A 697 -1.82 -25.48 -0.46
N ALA A 698 -2.95 -24.87 -0.83
CA ALA A 698 -3.13 -24.42 -2.20
C ALA A 698 -2.11 -23.35 -2.57
N LEU A 699 -1.86 -22.40 -1.67
CA LEU A 699 -0.90 -21.34 -1.94
C LEU A 699 0.53 -21.89 -2.03
N ARG A 700 0.80 -23.01 -1.37
CA ARG A 700 2.14 -23.58 -1.40
C ARG A 700 2.50 -24.19 -2.75
N ARG A 701 1.54 -24.32 -3.67
CA ARG A 701 1.79 -24.93 -4.97
C ARG A 701 2.36 -23.96 -6.00
N THR A 702 2.50 -22.68 -5.65
CA THR A 702 3.01 -21.68 -6.58
C THR A 702 4.53 -21.53 -6.49
N ARG A 703 5.20 -22.32 -5.65
CA ARG A 703 6.66 -22.26 -5.51
C ARG A 703 7.10 -20.90 -4.97
N ILE A 704 6.49 -20.49 -3.86
CA ILE A 704 6.83 -19.26 -3.17
C ILE A 704 7.16 -19.60 -1.73
N ARG A 705 8.33 -19.16 -1.27
CA ARG A 705 8.75 -19.43 0.10
C ARG A 705 7.85 -18.72 1.09
N ALA A 706 7.58 -19.39 2.21
CA ALA A 706 6.74 -18.85 3.28
C ALA A 706 7.52 -18.81 4.58
N VAL A 707 7.34 -17.73 5.34
CA VAL A 707 8.01 -17.54 6.62
C VAL A 707 6.99 -17.07 7.64
N MET A 708 7.36 -17.19 8.91
CA MET A 708 6.51 -16.79 10.02
C MET A 708 7.32 -15.95 11.00
N VAL A 709 6.67 -14.93 11.57
CA VAL A 709 7.29 -14.06 12.56
C VAL A 709 6.38 -14.03 13.78
N THR A 710 6.92 -14.40 14.94
CA THR A 710 6.16 -14.39 16.17
C THR A 710 7.13 -14.43 17.34
N GLY A 711 6.65 -13.97 18.50
CA GLY A 711 7.45 -13.95 19.71
C GLY A 711 7.01 -14.97 20.73
N ASP A 712 6.65 -16.16 20.28
CA ASP A 712 6.17 -17.22 21.16
C ASP A 712 7.36 -17.95 21.79
N ASN A 713 7.06 -19.03 22.52
CA ASN A 713 8.09 -19.80 23.20
C ASN A 713 8.85 -20.67 22.20
N LEU A 714 9.85 -21.38 22.70
CA LEU A 714 10.64 -22.28 21.87
C LEU A 714 9.73 -23.28 21.16
N GLN A 715 9.98 -23.47 19.86
CA GLN A 715 9.07 -24.20 18.98
C GLN A 715 7.61 -23.80 19.25
N THR A 716 6.73 -24.77 19.45
CA THR A 716 5.27 -24.60 19.58
C THR A 716 4.63 -24.38 18.21
N ALA A 717 5.41 -24.25 17.13
CA ALA A 717 4.87 -24.14 15.79
C ALA A 717 4.92 -25.45 15.02
N VAL A 718 5.39 -26.53 15.65
CA VAL A 718 5.47 -27.81 14.96
C VAL A 718 4.09 -28.31 14.57
N THR A 719 3.11 -28.18 15.48
CA THR A 719 1.76 -28.61 15.17
C THR A 719 1.18 -27.81 14.02
N VAL A 720 1.40 -26.49 14.01
CA VAL A 720 0.90 -25.65 12.93
C VAL A 720 1.55 -26.05 11.61
N ALA A 721 2.86 -26.26 11.62
CA ALA A 721 3.56 -26.66 10.40
C ALA A 721 3.03 -27.99 9.88
N ARG A 722 2.81 -28.96 10.78
CA ARG A 722 2.24 -30.24 10.36
C ARG A 722 0.85 -30.06 9.78
N GLY A 723 0.04 -29.20 10.39
CA GLY A 723 -1.30 -28.95 9.86
C GLY A 723 -1.26 -28.36 8.47
N CYS A 724 -0.39 -27.38 8.24
CA CYS A 724 -0.23 -26.79 6.92
C CYS A 724 0.86 -27.45 6.10
N GLY A 725 1.61 -28.39 6.67
CA GLY A 725 2.58 -29.16 5.93
C GLY A 725 3.73 -28.36 5.35
N MET A 726 4.32 -27.48 6.16
CA MET A 726 5.52 -26.75 5.72
C MET A 726 6.79 -27.54 5.97
N VAL A 727 6.97 -28.06 7.19
CA VAL A 727 8.18 -28.79 7.54
C VAL A 727 7.85 -30.26 7.71
N ALA A 728 6.82 -30.72 7.00
CA ALA A 728 6.39 -32.11 7.12
C ALA A 728 7.52 -33.10 6.84
N PRO A 729 8.29 -32.96 5.75
CA PRO A 729 9.34 -33.97 5.48
C PRO A 729 10.47 -33.93 6.49
N GLN A 730 10.96 -32.73 6.82
CA GLN A 730 12.06 -32.58 7.76
C GLN A 730 11.94 -31.23 8.46
N GLU A 731 12.59 -31.14 9.62
CA GLU A 731 12.57 -29.90 10.39
C GLU A 731 13.80 -29.88 11.30
N HIS A 732 14.37 -28.69 11.46
CA HIS A 732 15.50 -28.48 12.36
C HIS A 732 15.55 -27.01 12.74
N LEU A 733 16.28 -26.72 13.81
CA LEU A 733 16.37 -25.37 14.35
C LEU A 733 17.82 -25.11 14.76
N ILE A 734 18.02 -24.02 15.50
CA ILE A 734 19.34 -23.60 15.95
C ILE A 734 19.31 -23.44 17.46
N ILE A 735 20.42 -23.82 18.09
CA ILE A 735 20.53 -23.69 19.54
C ILE A 735 20.29 -22.23 19.94
N VAL A 736 19.83 -22.04 21.18
CA VAL A 736 19.48 -20.70 21.66
C VAL A 736 20.59 -20.15 22.54
N HIS A 737 21.39 -21.03 23.14
CA HIS A 737 22.45 -20.61 24.04
C HIS A 737 23.53 -19.87 23.26
N ALA A 738 23.62 -18.56 23.44
CA ALA A 738 24.64 -17.73 22.80
C ALA A 738 25.18 -16.68 23.76
N THR A 739 25.09 -16.92 25.06
CA THR A 739 25.52 -15.93 26.04
C THR A 739 27.03 -15.70 25.96
N HIS A 740 27.81 -16.76 25.76
CA HIS A 740 29.25 -16.63 25.77
C HIS A 740 29.72 -15.75 24.60
N PRO A 741 30.79 -14.98 24.79
CA PRO A 741 31.28 -14.15 23.67
C PRO A 741 31.68 -14.98 22.45
N GLU A 742 32.14 -16.22 22.64
CA GLU A 742 32.52 -17.04 21.50
C GLU A 742 31.35 -17.26 20.55
N ARG A 743 30.13 -17.31 21.06
CA ARG A 743 28.93 -17.47 20.25
C ARG A 743 29.01 -18.73 19.39
N GLY A 744 29.53 -19.80 19.98
CA GLY A 744 29.52 -21.08 19.31
C GLY A 744 28.12 -21.64 19.23
N GLN A 745 27.55 -21.68 18.03
CA GLN A 745 26.14 -21.99 17.82
C GLN A 745 26.01 -23.10 16.78
N PRO A 746 26.31 -24.34 17.16
CA PRO A 746 26.13 -25.45 16.23
C PRO A 746 24.66 -25.76 16.00
N ALA A 747 24.39 -26.43 14.89
CA ALA A 747 23.02 -26.77 14.52
C ALA A 747 22.47 -27.85 15.44
N SER A 748 21.15 -27.98 15.45
CA SER A 748 20.44 -28.96 16.26
C SER A 748 19.51 -29.79 15.38
N LEU A 749 19.33 -31.05 15.77
CA LEU A 749 18.52 -31.99 15.02
C LEU A 749 17.07 -32.02 15.46
N GLU A 750 16.70 -31.27 16.50
CA GLU A 750 15.33 -31.25 16.99
C GLU A 750 14.89 -32.66 17.38
N PHE A 751 14.21 -33.35 16.46
CA PHE A 751 13.73 -34.70 16.74
C PHE A 751 14.51 -35.73 15.92
N GLU A 775 28.81 -32.87 13.01
CA GLU A 775 27.90 -32.91 11.87
C GLU A 775 27.84 -31.53 11.20
N PRO A 776 27.92 -31.49 9.86
CA PRO A 776 27.84 -30.20 9.17
C PRO A 776 26.43 -29.63 9.16
N ASP A 777 26.24 -28.50 8.48
CA ASP A 777 24.94 -27.82 8.39
C ASP A 777 24.65 -27.54 6.92
N PRO A 778 24.25 -28.56 6.15
CA PRO A 778 23.91 -28.32 4.74
C PRO A 778 22.76 -27.35 4.55
N ARG A 779 21.90 -27.17 5.55
CA ARG A 779 20.76 -26.28 5.48
C ARG A 779 19.74 -26.72 4.43
N SER A 780 19.81 -27.98 4.01
CA SER A 780 18.83 -28.49 3.04
C SER A 780 17.43 -28.47 3.64
N ARG A 781 17.29 -28.82 4.92
CA ARG A 781 16.00 -28.83 5.59
C ARG A 781 15.59 -27.39 5.91
N HIS A 782 14.50 -27.23 6.64
CA HIS A 782 13.98 -25.92 7.01
C HIS A 782 14.53 -25.54 8.38
N LEU A 783 15.16 -24.37 8.47
CA LEU A 783 15.79 -23.90 9.69
C LEU A 783 14.87 -22.92 10.41
N ALA A 784 14.97 -22.91 11.74
CA ALA A 784 14.20 -22.02 12.59
C ALA A 784 15.14 -21.18 13.42
N LEU A 785 14.93 -19.86 13.44
CA LEU A 785 15.75 -18.93 14.18
C LEU A 785 15.07 -18.56 15.49
N SER A 786 15.77 -17.77 16.31
CA SER A 786 15.26 -17.32 17.60
C SER A 786 15.50 -15.82 17.75
N GLY A 787 14.64 -15.19 18.53
CA GLY A 787 14.73 -13.76 18.77
C GLY A 787 16.03 -13.34 19.41
N PRO A 788 16.37 -13.92 20.57
CA PRO A 788 17.65 -13.58 21.20
C PRO A 788 18.84 -13.87 20.32
N THR A 789 18.80 -14.96 19.55
CA THR A 789 19.91 -15.27 18.64
C THR A 789 19.90 -14.34 17.43
N PHE A 790 18.71 -14.04 16.91
CA PHE A 790 18.61 -13.13 15.76
C PHE A 790 19.10 -11.73 16.12
N GLY A 791 18.97 -11.34 17.39
CA GLY A 791 19.37 -10.01 17.80
C GLY A 791 20.87 -9.79 17.82
N ILE A 792 21.65 -10.86 17.85
CA ILE A 792 23.11 -10.77 17.90
C ILE A 792 23.75 -11.29 16.62
N ILE A 793 23.19 -12.36 16.03
CA ILE A 793 23.74 -12.92 14.81
C ILE A 793 23.66 -11.93 13.66
N VAL A 794 22.72 -10.98 13.72
CA VAL A 794 22.59 -10.01 12.62
C VAL A 794 23.86 -9.16 12.50
N LYS A 795 24.41 -8.73 13.63
CA LYS A 795 25.62 -7.91 13.62
C LYS A 795 26.88 -8.74 13.74
N HIS A 796 26.82 -9.91 14.37
CA HIS A 796 27.96 -10.78 14.51
C HIS A 796 28.03 -11.76 13.34
N PHE A 797 29.22 -11.92 12.78
CA PHE A 797 29.43 -12.77 11.62
C PHE A 797 28.48 -12.34 10.50
N PRO A 798 28.62 -11.12 9.99
CA PRO A 798 27.70 -10.67 8.93
C PRO A 798 27.78 -11.53 7.67
N LYS A 799 28.92 -12.16 7.41
CA LYS A 799 29.04 -12.99 6.21
C LYS A 799 28.04 -14.14 6.22
N LEU A 800 27.64 -14.60 7.42
CA LEU A 800 26.66 -15.67 7.53
C LEU A 800 25.23 -15.18 7.35
N LEU A 801 24.99 -13.88 7.43
CA LEU A 801 23.63 -13.36 7.30
C LEU A 801 23.02 -13.67 5.94
N PRO A 802 23.66 -13.38 4.81
CA PRO A 802 23.01 -13.64 3.52
C PRO A 802 22.65 -15.10 3.29
N LYS A 803 23.47 -16.03 3.78
CA LYS A 803 23.24 -17.45 3.56
C LYS A 803 22.41 -18.09 4.67
N VAL A 804 22.07 -17.34 5.72
CA VAL A 804 21.23 -17.86 6.79
C VAL A 804 19.82 -17.27 6.77
N LEU A 805 19.66 -16.01 6.37
CA LEU A 805 18.33 -15.42 6.33
C LEU A 805 17.45 -16.09 5.29
N VAL A 806 18.04 -16.59 4.19
CA VAL A 806 17.26 -17.21 3.13
C VAL A 806 16.54 -18.45 3.65
N GLN A 807 17.24 -19.28 4.44
CA GLN A 807 16.67 -20.50 4.96
C GLN A 807 15.81 -20.27 6.19
N GLY A 808 15.91 -19.11 6.83
CA GLY A 808 15.11 -18.82 8.01
C GLY A 808 13.62 -18.91 7.74
N THR A 809 12.90 -19.62 8.61
CA THR A 809 11.47 -19.83 8.46
C THR A 809 10.66 -19.19 9.57
N VAL A 810 10.98 -19.48 10.83
CA VAL A 810 10.21 -18.98 11.97
C VAL A 810 11.17 -18.40 13.00
N PHE A 811 10.62 -17.54 13.85
CA PHE A 811 11.36 -16.90 14.93
C PHE A 811 10.59 -17.04 16.22
N ALA A 812 11.31 -17.14 17.34
CA ALA A 812 10.72 -17.32 18.65
C ALA A 812 11.29 -16.29 19.62
N ARG A 813 10.42 -15.76 20.47
CA ARG A 813 10.81 -14.81 21.52
C ARG A 813 11.59 -13.64 20.93
N MET A 814 11.04 -13.06 19.86
CA MET A 814 11.61 -11.89 19.21
C MET A 814 10.79 -10.66 19.54
N ALA A 815 11.48 -9.55 19.80
CA ALA A 815 10.81 -8.31 20.13
C ALA A 815 10.24 -7.64 18.87
N PRO A 816 9.21 -6.81 19.02
CA PRO A 816 8.65 -6.14 17.83
C PRO A 816 9.66 -5.24 17.13
N GLU A 817 10.67 -4.75 17.84
CA GLU A 817 11.64 -3.83 17.23
C GLU A 817 12.44 -4.49 16.12
N GLN A 818 12.50 -5.82 16.08
CA GLN A 818 13.24 -6.52 15.04
C GLN A 818 12.48 -6.64 13.74
N LYS A 819 11.17 -6.41 13.74
CA LYS A 819 10.39 -6.53 12.52
C LYS A 819 10.85 -5.52 11.48
N THR A 820 11.03 -4.27 11.89
CA THR A 820 11.48 -3.24 10.94
C THR A 820 12.87 -3.57 10.41
N GLU A 821 13.78 -4.02 11.29
CA GLU A 821 15.11 -4.40 10.85
C GLU A 821 15.04 -5.59 9.89
N LEU A 822 14.19 -6.56 10.19
CA LEU A 822 14.07 -7.74 9.34
C LEU A 822 13.58 -7.35 7.94
N VAL A 823 12.54 -6.50 7.88
CA VAL A 823 12.01 -6.13 6.57
C VAL A 823 13.01 -5.26 5.82
N CYS A 824 13.73 -4.39 6.53
CA CYS A 824 14.76 -3.58 5.87
C CYS A 824 15.86 -4.48 5.29
N GLU A 825 16.28 -5.49 6.05
CA GLU A 825 17.28 -6.41 5.53
C GLU A 825 16.76 -7.16 4.31
N LEU A 826 15.52 -7.65 4.36
CA LEU A 826 14.97 -8.38 3.23
C LEU A 826 14.89 -7.49 2.00
N GLN A 827 14.50 -6.22 2.19
CA GLN A 827 14.47 -5.29 1.07
C GLN A 827 15.87 -5.08 0.50
N LYS A 828 16.87 -4.93 1.38
CA LYS A 828 18.24 -4.79 0.92
C LYS A 828 18.70 -6.02 0.14
N LEU A 829 18.19 -7.20 0.51
CA LEU A 829 18.49 -8.45 -0.20
C LEU A 829 17.68 -8.60 -1.49
N GLN A 830 16.99 -7.55 -1.93
CA GLN A 830 16.19 -7.59 -3.15
C GLN A 830 15.11 -8.68 -3.07
N TYR A 831 14.45 -8.75 -1.93
CA TYR A 831 13.38 -9.70 -1.68
C TYR A 831 12.06 -8.96 -1.49
N CYS A 832 11.03 -9.38 -2.23
CA CYS A 832 9.69 -8.82 -2.12
C CYS A 832 8.84 -9.78 -1.30
N VAL A 833 8.46 -9.36 -0.10
CA VAL A 833 7.73 -10.21 0.84
C VAL A 833 6.57 -9.42 1.41
N GLY A 834 5.58 -10.17 1.92
CA GLY A 834 4.45 -9.58 2.60
C GLY A 834 4.18 -10.31 3.90
N MET A 835 3.52 -9.59 4.82
CA MET A 835 3.23 -10.12 6.14
C MET A 835 1.79 -9.79 6.50
N CYS A 836 1.24 -10.57 7.43
CA CYS A 836 -0.12 -10.40 7.91
C CYS A 836 -0.07 -9.91 9.35
N GLY A 837 -0.80 -8.85 9.64
CA GLY A 837 -0.85 -8.25 10.97
C GLY A 837 -2.21 -8.50 11.61
N ASP A 838 -2.19 -8.77 12.92
CA ASP A 838 -3.42 -9.03 13.66
C ASP A 838 -3.47 -8.37 15.03
N GLY A 839 -2.41 -7.67 15.44
CA GLY A 839 -2.39 -7.04 16.74
C GLY A 839 -1.95 -5.59 16.68
N ALA A 840 -1.49 -5.05 17.82
CA ALA A 840 -1.02 -3.68 17.89
C ALA A 840 0.45 -3.56 17.51
N ASN A 841 1.26 -4.55 17.86
CA ASN A 841 2.69 -4.53 17.56
C ASN A 841 2.98 -5.20 16.20
N ASP A 842 2.29 -4.74 15.16
CA ASP A 842 2.49 -5.28 13.82
C ASP A 842 2.60 -4.23 12.74
N CYS A 843 2.12 -3.00 12.95
CA CYS A 843 2.16 -1.96 11.93
C CYS A 843 3.49 -1.22 11.86
N GLY A 844 4.43 -1.54 12.75
CA GLY A 844 5.71 -0.86 12.72
C GLY A 844 6.46 -1.04 11.41
N ALA A 845 6.40 -2.25 10.85
CA ALA A 845 7.09 -2.57 9.62
C ALA A 845 6.25 -2.31 8.37
N LEU A 846 5.02 -1.82 8.53
CA LEU A 846 4.14 -1.56 7.40
C LEU A 846 4.33 -0.16 6.81
N LYS A 847 5.19 0.67 7.41
CA LYS A 847 5.33 2.04 6.96
C LYS A 847 5.80 2.10 5.51
N ALA A 848 7.00 1.58 5.24
CA ALA A 848 7.58 1.68 3.90
C ALA A 848 8.42 0.46 3.52
N ALA A 849 8.35 -0.64 4.27
CA ALA A 849 9.20 -1.80 3.99
C ALA A 849 8.40 -3.06 4.34
N ASP A 850 7.69 -3.60 3.34
CA ASP A 850 7.38 -3.02 2.04
C ASP A 850 5.87 -3.01 1.84
N VAL A 851 5.25 -4.18 2.09
CA VAL A 851 3.80 -4.33 2.00
C VAL A 851 3.37 -5.35 3.04
N GLY A 852 2.06 -5.57 3.17
CA GLY A 852 1.58 -6.54 4.12
C GLY A 852 0.07 -6.56 4.15
N ILE A 853 -0.46 -7.34 5.09
CA ILE A 853 -1.89 -7.50 5.28
C ILE A 853 -2.21 -7.30 6.76
N SER A 854 -3.45 -6.95 7.04
CA SER A 854 -3.92 -6.74 8.40
C SER A 854 -5.14 -7.61 8.67
N LEU A 855 -5.45 -7.79 9.95
CA LEU A 855 -6.59 -8.58 10.39
C LEU A 855 -7.36 -7.84 11.46
N SER A 856 -8.68 -7.98 11.43
CA SER A 856 -9.56 -7.35 12.43
C SER A 856 -9.36 -5.83 12.44
N GLN A 857 -9.67 -5.21 11.30
CA GLN A 857 -9.54 -3.77 11.13
C GLN A 857 -10.89 -3.16 10.77
N ALA A 858 -11.11 -1.95 11.28
CA ALA A 858 -12.35 -1.23 10.99
C ALA A 858 -12.33 -0.68 9.56
N GLU A 859 -13.50 -0.29 9.09
CA GLU A 859 -13.63 0.24 7.74
C GLU A 859 -12.97 1.62 7.64
N ALA A 860 -12.64 1.99 6.40
CA ALA A 860 -12.02 3.29 6.12
C ALA A 860 -10.71 3.46 6.88
N SER A 861 -9.93 2.39 6.97
CA SER A 861 -8.63 2.47 7.62
C SER A 861 -7.70 3.37 6.83
N VAL A 862 -6.92 4.19 7.55
CA VAL A 862 -6.02 5.15 6.93
C VAL A 862 -4.59 4.87 7.36
N VAL A 863 -4.42 4.04 8.39
CA VAL A 863 -3.08 3.71 8.87
C VAL A 863 -2.29 3.00 7.78
N SER A 864 -2.92 2.05 7.10
CA SER A 864 -2.31 1.29 6.02
C SER A 864 -3.36 1.04 4.95
N PRO A 865 -2.95 0.84 3.69
CA PRO A 865 -3.94 0.58 2.64
C PRO A 865 -4.57 -0.81 2.73
N PHE A 866 -5.04 -1.16 3.92
CA PHE A 866 -5.69 -2.45 4.18
C PHE A 866 -6.67 -2.24 5.32
N THR A 867 -7.55 -3.23 5.54
CA THR A 867 -7.67 -4.52 4.88
C THR A 867 -9.14 -4.87 4.66
N SER A 868 -9.40 -6.12 4.34
CA SER A 868 -10.77 -6.60 4.17
C SER A 868 -11.49 -6.58 5.52
N SER A 869 -12.78 -6.93 5.50
CA SER A 869 -13.59 -6.98 6.70
C SER A 869 -13.66 -8.36 7.32
N MET A 870 -13.54 -9.42 6.52
CA MET A 870 -13.61 -10.77 7.04
C MET A 870 -12.41 -11.06 7.93
N ALA A 871 -12.65 -11.74 9.05
CA ALA A 871 -11.59 -12.09 10.00
C ALA A 871 -11.04 -13.48 9.64
N SER A 872 -10.37 -13.52 8.49
CA SER A 872 -9.77 -14.76 8.01
C SER A 872 -8.57 -14.42 7.14
N ILE A 873 -7.71 -15.43 6.94
CA ILE A 873 -6.52 -15.27 6.12
C ILE A 873 -6.84 -15.63 4.68
N GLU A 874 -8.13 -15.84 4.39
CA GLU A 874 -8.55 -16.17 3.03
C GLU A 874 -8.44 -14.99 2.08
N CYS A 875 -8.18 -13.78 2.59
CA CYS A 875 -8.06 -12.62 1.72
C CYS A 875 -6.77 -12.64 0.92
N VAL A 876 -5.72 -13.30 1.44
CA VAL A 876 -4.44 -13.31 0.74
C VAL A 876 -4.55 -13.94 -0.64
N PRO A 877 -5.17 -15.12 -0.81
CA PRO A 877 -5.42 -15.60 -2.17
C PRO A 877 -6.24 -14.63 -3.01
N MET A 878 -7.22 -13.97 -2.39
CA MET A 878 -8.08 -13.05 -3.13
C MET A 878 -7.29 -11.87 -3.67
N VAL A 879 -6.50 -11.22 -2.81
CA VAL A 879 -5.70 -10.09 -3.27
C VAL A 879 -4.66 -10.56 -4.28
N ILE A 880 -4.05 -11.72 -4.05
CA ILE A 880 -3.05 -12.23 -4.98
C ILE A 880 -3.66 -12.39 -6.36
N ARG A 881 -4.80 -13.08 -6.45
CA ARG A 881 -5.39 -13.37 -7.75
C ARG A 881 -5.90 -12.10 -8.43
N GLU A 882 -6.55 -11.20 -7.66
CA GLU A 882 -7.04 -9.97 -8.27
C GLU A 882 -5.88 -9.13 -8.78
N GLY A 883 -4.79 -9.04 -8.02
CA GLY A 883 -3.63 -8.29 -8.48
C GLY A 883 -3.02 -8.90 -9.72
N ARG A 884 -2.83 -10.22 -9.75
CA ARG A 884 -2.24 -10.85 -10.92
C ARG A 884 -3.11 -10.71 -12.15
N CYS A 885 -4.43 -10.78 -12.00
CA CYS A 885 -5.29 -10.56 -13.16
C CYS A 885 -5.32 -9.09 -13.55
N SER A 886 -5.00 -8.18 -12.62
CA SER A 886 -4.93 -6.77 -12.95
C SER A 886 -3.64 -6.42 -13.70
N LEU A 887 -2.53 -7.10 -13.39
CA LEU A 887 -1.28 -6.77 -14.08
C LEU A 887 -1.40 -6.91 -15.59
N ASP A 888 -1.99 -8.00 -16.08
CA ASP A 888 -2.01 -8.26 -17.51
C ASP A 888 -2.89 -7.28 -18.30
N THR A 889 -3.73 -6.49 -17.61
CA THR A 889 -4.56 -5.55 -18.32
C THR A 889 -3.73 -4.48 -19.02
N SER A 890 -2.68 -3.99 -18.35
CA SER A 890 -1.80 -3.01 -18.98
C SER A 890 -1.16 -3.57 -20.24
N PHE A 891 -0.65 -4.81 -20.16
CA PHE A 891 -0.05 -5.44 -21.34
C PHE A 891 -1.07 -5.59 -22.45
N SER A 892 -2.28 -6.03 -22.13
CA SER A 892 -3.29 -6.23 -23.15
C SER A 892 -3.66 -4.91 -23.83
N VAL A 893 -3.86 -3.85 -23.05
CA VAL A 893 -4.22 -2.57 -23.64
C VAL A 893 -3.08 -2.02 -24.47
N PHE A 894 -1.84 -2.18 -24.01
CA PHE A 894 -0.69 -1.72 -24.79
C PHE A 894 -0.63 -2.45 -26.14
N LYS A 895 -0.83 -3.77 -26.11
CA LYS A 895 -0.81 -4.53 -27.35
C LYS A 895 -1.93 -4.09 -28.29
N TYR A 896 -3.13 -3.91 -27.75
CA TYR A 896 -4.26 -3.49 -28.59
C TYR A 896 -3.97 -2.12 -29.21
N MET A 897 -3.47 -1.19 -28.42
CA MET A 897 -3.17 0.15 -28.94
C MET A 897 -2.12 0.09 -30.03
N ALA A 898 -1.05 -0.69 -29.79
CA ALA A 898 0.02 -0.77 -30.77
C ALA A 898 -0.48 -1.36 -32.08
N LEU A 899 -1.22 -2.48 -32.01
CA LEU A 899 -1.71 -3.09 -33.23
C LEU A 899 -2.70 -2.18 -33.95
N TYR A 900 -3.58 -1.50 -33.21
CA TYR A 900 -4.51 -0.58 -33.85
C TYR A 900 -3.76 0.53 -34.57
N SER A 901 -2.73 1.08 -33.92
CA SER A 901 -1.94 2.13 -34.57
C SER A 901 -1.27 1.61 -35.84
N LEU A 902 -0.71 0.40 -35.78
CA LEU A 902 -0.01 -0.14 -36.94
C LEU A 902 -0.98 -0.34 -38.11
N THR A 903 -2.14 -0.94 -37.86
CA THR A 903 -3.11 -1.14 -38.94
C THR A 903 -3.64 0.19 -39.46
N GLN A 904 -3.90 1.16 -38.58
CA GLN A 904 -4.35 2.46 -39.06
C GLN A 904 -3.30 3.11 -39.96
N PHE A 905 -2.04 3.03 -39.56
CA PHE A 905 -0.96 3.61 -40.35
C PHE A 905 -0.85 2.93 -41.71
N ILE A 906 -0.88 1.59 -41.73
CA ILE A 906 -0.76 0.87 -42.99
C ILE A 906 -1.93 1.20 -43.89
N SER A 907 -3.14 1.26 -43.34
CA SER A 907 -4.31 1.59 -44.15
C SER A 907 -4.20 2.99 -44.74
N VAL A 908 -3.80 3.97 -43.93
CA VAL A 908 -3.75 5.34 -44.42
C VAL A 908 -2.66 5.48 -45.48
N LEU A 909 -1.52 4.80 -45.30
CA LEU A 909 -0.43 4.96 -46.26
C LEU A 909 -0.72 4.20 -47.56
N ILE A 910 -1.35 3.03 -47.48
CA ILE A 910 -1.69 2.30 -48.70
C ILE A 910 -2.80 3.02 -49.46
N LEU A 911 -3.76 3.60 -48.73
CA LEU A 911 -4.85 4.32 -49.39
C LEU A 911 -4.33 5.49 -50.22
N TYR A 912 -3.20 6.07 -49.82
CA TYR A 912 -2.65 7.25 -50.48
C TYR A 912 -1.85 6.91 -51.75
N THR A 913 -2.03 5.72 -52.31
CA THR A 913 -1.34 5.39 -53.55
C THR A 913 -1.73 6.34 -54.67
N ILE A 914 -2.92 6.93 -54.60
CA ILE A 914 -3.41 7.89 -55.58
C ILE A 914 -4.00 9.08 -54.83
N ASN A 915 -4.53 10.04 -55.59
CA ASN A 915 -5.07 11.26 -55.00
C ASN A 915 -6.31 11.04 -54.16
N THR A 916 -6.93 9.86 -54.25
CA THR A 916 -8.14 9.59 -53.48
C THR A 916 -7.85 9.69 -51.99
N ASN A 917 -8.74 10.33 -51.25
CA ASN A 917 -8.60 10.50 -49.81
C ASN A 917 -9.92 10.15 -49.13
N LEU A 918 -9.82 9.59 -47.93
CA LEU A 918 -11.00 9.19 -47.18
C LEU A 918 -11.64 10.42 -46.54
N GLY A 919 -12.97 10.38 -46.43
CA GLY A 919 -13.73 11.49 -45.89
C GLY A 919 -13.54 11.66 -44.40
N ASP A 920 -14.55 12.27 -43.76
CA ASP A 920 -14.49 12.58 -42.33
C ASP A 920 -15.24 11.55 -41.49
N LEU A 921 -16.51 11.30 -41.78
CA LEU A 921 -17.30 10.39 -40.97
C LEU A 921 -16.77 8.96 -41.03
N GLN A 922 -16.01 8.61 -42.07
CA GLN A 922 -15.44 7.27 -42.14
C GLN A 922 -14.47 7.03 -41.00
N PHE A 923 -13.63 8.03 -40.68
CA PHE A 923 -12.73 7.89 -39.54
C PHE A 923 -13.51 7.74 -38.24
N LEU A 924 -14.57 8.52 -38.06
CA LEU A 924 -15.36 8.45 -36.84
C LEU A 924 -16.01 7.08 -36.68
N ALA A 925 -16.55 6.53 -37.77
CA ALA A 925 -17.24 5.25 -37.72
C ALA A 925 -16.40 4.18 -37.03
N ILE A 926 -15.08 4.33 -37.03
CA ILE A 926 -14.18 3.44 -36.31
C ILE A 926 -13.76 4.04 -34.98
N ASP A 927 -13.30 5.29 -34.98
CA ASP A 927 -12.71 5.86 -33.78
C ASP A 927 -13.71 5.99 -32.64
N LEU A 928 -15.01 5.92 -32.92
CA LEU A 928 -16.03 6.10 -31.88
C LEU A 928 -16.55 4.79 -31.31
N VAL A 929 -16.66 3.74 -32.13
CA VAL A 929 -17.30 2.49 -31.71
C VAL A 929 -16.39 1.28 -31.86
N ILE A 930 -15.10 1.48 -32.17
CA ILE A 930 -14.18 0.35 -32.33
C ILE A 930 -13.04 0.50 -31.34
N THR A 931 -12.71 1.73 -30.96
CA THR A 931 -11.59 2.02 -30.07
C THR A 931 -12.04 2.17 -28.62
N THR A 932 -12.92 3.13 -28.34
CA THR A 932 -13.30 3.41 -26.96
C THR A 932 -14.16 2.29 -26.38
N THR A 933 -15.09 1.75 -27.17
CA THR A 933 -16.01 0.74 -26.66
C THR A 933 -15.24 -0.50 -26.19
N VAL A 934 -14.38 -1.03 -27.05
CA VAL A 934 -13.63 -2.24 -26.68
C VAL A 934 -12.66 -1.93 -25.56
N ALA A 935 -12.04 -0.74 -25.58
CA ALA A 935 -11.10 -0.38 -24.52
C ALA A 935 -11.78 -0.37 -23.17
N VAL A 936 -12.99 0.17 -23.09
CA VAL A 936 -13.74 0.17 -21.83
C VAL A 936 -14.18 -1.25 -21.48
N LEU A 937 -14.60 -2.02 -22.48
CA LEU A 937 -15.13 -3.36 -22.21
C LEU A 937 -14.05 -4.28 -21.64
N MET A 938 -12.83 -4.21 -22.18
CA MET A 938 -11.77 -5.10 -21.73
C MET A 938 -11.44 -4.88 -20.26
N SER A 939 -11.72 -3.70 -19.71
CA SER A 939 -11.47 -3.43 -18.30
C SER A 939 -12.46 -4.13 -17.39
N ARG A 940 -13.51 -4.74 -17.94
CA ARG A 940 -14.54 -5.40 -17.14
C ARG A 940 -14.24 -6.86 -16.86
N THR A 941 -13.06 -7.35 -17.25
CA THR A 941 -12.72 -8.74 -17.01
C THR A 941 -12.62 -9.00 -15.50
N GLY A 942 -12.42 -10.27 -15.16
CA GLY A 942 -12.34 -10.69 -13.77
C GLY A 942 -11.29 -11.74 -13.53
N PRO A 943 -10.98 -12.00 -12.26
CA PRO A 943 -9.96 -13.00 -11.94
C PRO A 943 -10.39 -14.41 -12.30
N ALA A 944 -9.41 -15.26 -12.57
CA ALA A 944 -9.65 -16.65 -12.90
C ALA A 944 -9.70 -17.49 -11.63
N LEU A 945 -10.61 -18.46 -11.61
CA LEU A 945 -10.76 -19.31 -10.43
C LEU A 945 -9.49 -20.10 -10.15
N VAL A 946 -8.88 -20.66 -11.20
CA VAL A 946 -7.67 -21.46 -11.02
C VAL A 946 -6.49 -20.55 -10.74
N LEU A 947 -5.76 -20.84 -9.67
CA LEU A 947 -4.59 -20.05 -9.33
C LEU A 947 -3.49 -20.24 -10.37
N GLY A 948 -2.81 -19.15 -10.71
CA GLY A 948 -1.74 -19.21 -11.69
C GLY A 948 -0.63 -20.16 -11.30
N ARG A 949 -0.29 -21.08 -12.20
CA ARG A 949 0.78 -22.03 -11.92
C ARG A 949 2.16 -21.40 -12.05
N VAL A 950 2.29 -20.38 -12.88
CA VAL A 950 3.58 -19.72 -13.11
C VAL A 950 3.40 -18.22 -12.92
N ARG A 951 4.50 -17.55 -12.60
CA ARG A 951 4.46 -16.11 -12.39
C ARG A 951 4.15 -15.39 -13.70
N PRO A 952 3.56 -14.20 -13.63
CA PRO A 952 3.24 -13.46 -14.85
C PRO A 952 4.51 -13.05 -15.58
N PRO A 953 4.39 -12.58 -16.83
CA PRO A 953 5.59 -12.17 -17.56
C PRO A 953 6.35 -11.07 -16.85
N GLY A 954 7.67 -11.11 -16.95
CA GLY A 954 8.53 -10.15 -16.27
C GLY A 954 8.15 -8.72 -16.57
N ALA A 955 8.34 -8.30 -17.81
CA ALA A 955 8.04 -6.93 -18.22
C ALA A 955 8.25 -6.82 -19.72
N LEU A 956 7.73 -5.73 -20.29
CA LEU A 956 7.87 -5.42 -21.70
C LEU A 956 8.97 -4.38 -21.89
N LEU A 957 9.59 -4.36 -23.07
CA LEU A 957 9.33 -5.23 -24.22
C LEU A 957 10.14 -6.52 -24.12
N SER A 958 9.69 -7.55 -24.85
CA SER A 958 10.38 -8.83 -24.87
C SER A 958 10.41 -9.33 -26.29
N VAL A 959 11.40 -10.19 -26.58
CA VAL A 959 11.54 -10.74 -27.93
C VAL A 959 10.31 -11.52 -28.36
N PRO A 960 9.75 -12.42 -27.54
CA PRO A 960 8.58 -13.19 -28.01
C PRO A 960 7.40 -12.33 -28.41
N VAL A 961 7.08 -11.28 -27.64
CA VAL A 961 5.91 -10.47 -27.95
C VAL A 961 6.15 -9.64 -29.21
N LEU A 962 7.37 -9.10 -29.37
CA LEU A 962 7.68 -8.41 -30.62
C LEU A 962 7.56 -9.35 -31.82
N SER A 963 8.07 -10.57 -31.68
CA SER A 963 7.95 -11.53 -32.78
C SER A 963 6.49 -11.82 -33.09
N SER A 964 5.68 -12.05 -32.06
CA SER A 964 4.27 -12.36 -32.28
C SER A 964 3.55 -11.20 -32.96
N LEU A 965 3.78 -9.98 -32.49
CA LEU A 965 3.05 -8.84 -33.04
C LEU A 965 3.51 -8.52 -34.46
N LEU A 966 4.82 -8.63 -34.74
CA LEU A 966 5.26 -8.39 -36.11
C LEU A 966 4.76 -9.47 -37.05
N LEU A 967 4.69 -10.72 -36.58
CA LEU A 967 4.11 -11.78 -37.39
C LEU A 967 2.64 -11.49 -37.68
N GLN A 968 1.89 -11.04 -36.67
CA GLN A 968 0.49 -10.70 -36.88
C GLN A 968 0.36 -9.56 -37.89
N MET A 969 1.21 -8.54 -37.77
CA MET A 969 1.13 -7.40 -38.68
C MET A 969 1.44 -7.82 -40.11
N VAL A 970 2.47 -8.64 -40.31
CA VAL A 970 2.81 -9.05 -41.67
C VAL A 970 1.69 -9.93 -42.25
N LEU A 971 1.14 -10.83 -41.44
CA LEU A 971 0.03 -11.66 -41.92
C LEU A 971 -1.16 -10.78 -42.30
N VAL A 972 -1.44 -9.75 -41.50
CA VAL A 972 -2.57 -8.88 -41.79
C VAL A 972 -2.33 -8.07 -43.07
N THR A 973 -1.10 -7.60 -43.26
CA THR A 973 -0.77 -6.83 -44.46
C THR A 973 -0.56 -7.71 -45.69
N GLY A 974 -0.57 -9.04 -45.52
CA GLY A 974 -0.37 -9.94 -46.64
C GLY A 974 -1.58 -10.15 -47.52
N VAL A 975 -1.95 -11.42 -47.72
CA VAL A 975 -2.86 -11.85 -48.78
C VAL A 975 -4.14 -11.01 -48.86
N GLN A 976 -4.55 -10.41 -47.74
CA GLN A 976 -5.83 -9.71 -47.73
C GLN A 976 -5.83 -8.46 -48.61
N LEU A 977 -4.67 -8.04 -49.11
CA LEU A 977 -4.57 -6.90 -50.02
C LEU A 977 -4.92 -7.26 -51.46
N GLY A 978 -5.64 -8.35 -51.68
CA GLY A 978 -6.01 -8.76 -53.02
C GLY A 978 -7.05 -7.89 -53.68
N GLY A 979 -7.57 -6.88 -52.99
CA GLY A 979 -8.53 -5.98 -53.59
C GLY A 979 -7.97 -5.20 -54.77
N TYR A 980 -6.64 -5.17 -54.91
CA TYR A 980 -6.01 -4.49 -56.03
C TYR A 980 -5.81 -5.40 -57.24
N PHE A 981 -5.58 -6.70 -57.01
CA PHE A 981 -5.28 -7.65 -58.07
C PHE A 981 -6.49 -8.46 -58.50
N LEU A 982 -7.17 -9.12 -57.56
CA LEU A 982 -8.28 -10.00 -57.91
C LEU A 982 -9.43 -9.23 -58.56
N THR A 983 -9.52 -7.92 -58.35
CA THR A 983 -10.59 -7.14 -58.95
C THR A 983 -10.55 -7.13 -60.46
N LEU A 984 -9.38 -7.43 -61.05
CA LEU A 984 -9.26 -7.45 -62.50
C LEU A 984 -10.10 -8.56 -63.14
N ALA A 985 -10.57 -9.52 -62.36
CA ALA A 985 -11.38 -10.62 -62.87
C ALA A 985 -12.86 -10.31 -62.87
N GLN A 986 -13.26 -9.10 -62.48
CA GLN A 986 -14.65 -8.68 -62.45
C GLN A 986 -14.79 -7.36 -63.17
N PRO A 987 -16.01 -7.02 -63.62
CA PRO A 987 -16.19 -5.74 -64.32
C PRO A 987 -16.11 -4.56 -63.36
N TRP A 988 -15.45 -3.50 -63.83
CA TRP A 988 -15.37 -2.25 -63.09
C TRP A 988 -14.64 -1.23 -63.96
N PHE A 989 -14.78 0.05 -63.61
CA PHE A 989 -14.18 1.14 -64.34
C PHE A 989 -13.12 1.82 -63.47
N VAL A 990 -12.03 2.22 -64.10
CA VAL A 990 -10.93 2.86 -63.36
C VAL A 990 -11.42 4.18 -62.78
N PRO A 991 -10.98 4.56 -61.58
CA PRO A 991 -11.43 5.84 -61.00
C PRO A 991 -10.87 7.03 -61.77
N LEU A 992 -11.60 8.14 -61.68
CA LEU A 992 -11.21 9.39 -62.32
C LEU A 992 -10.09 10.02 -61.49
N ASN A 993 -8.88 9.51 -61.68
CA ASN A 993 -7.73 10.00 -60.95
C ASN A 993 -7.41 11.44 -61.35
N ARG A 994 -7.01 12.24 -60.37
CA ARG A 994 -6.62 13.64 -60.52
C ARG A 994 -7.80 14.56 -60.74
N THR A 995 -9.01 14.01 -60.97
CA THR A 995 -10.12 14.83 -61.45
C THR A 995 -10.33 16.06 -60.57
N VAL A 996 -10.40 15.88 -59.25
CA VAL A 996 -10.56 17.00 -58.34
C VAL A 996 -9.62 16.95 -57.15
N ALA A 997 -9.00 15.80 -56.84
CA ALA A 997 -8.11 15.69 -55.69
C ALA A 997 -8.81 16.11 -54.41
N ALA A 998 -10.07 15.69 -54.26
CA ALA A 998 -10.89 16.02 -53.10
C ALA A 998 -11.61 14.76 -52.64
N PRO A 999 -12.12 14.76 -51.39
CA PRO A 999 -12.80 13.55 -50.88
C PRO A 999 -14.17 13.32 -51.51
N ASP A 1000 -14.53 14.13 -52.50
CA ASP A 1000 -15.83 13.98 -53.16
C ASP A 1000 -15.92 12.74 -54.03
N ASN A 1001 -14.80 12.02 -54.25
CA ASN A 1001 -14.78 10.84 -55.11
C ASN A 1001 -15.52 9.70 -54.41
N LEU A 1002 -16.83 9.86 -54.29
CA LEU A 1002 -17.69 8.87 -53.65
C LEU A 1002 -17.65 7.52 -54.37
N PRO A 1003 -17.80 7.47 -55.70
CA PRO A 1003 -17.92 6.18 -56.38
C PRO A 1003 -16.63 5.38 -56.50
N ASN A 1004 -15.54 5.81 -55.85
CA ASN A 1004 -14.30 5.05 -55.93
C ASN A 1004 -14.49 3.64 -55.38
N TYR A 1005 -14.04 2.65 -56.14
CA TYR A 1005 -14.20 1.25 -55.77
C TYR A 1005 -13.24 0.84 -54.66
N GLU A 1006 -11.98 1.29 -54.73
CA GLU A 1006 -10.99 0.86 -53.74
C GLU A 1006 -11.36 1.33 -52.35
N ASN A 1007 -11.89 2.55 -52.22
CA ASN A 1007 -12.20 3.09 -50.91
C ASN A 1007 -13.26 2.26 -50.20
N THR A 1008 -14.30 1.82 -50.92
CA THR A 1008 -15.39 1.09 -50.30
C THR A 1008 -14.90 -0.21 -49.69
N VAL A 1009 -14.13 -0.99 -50.46
CA VAL A 1009 -13.70 -2.31 -49.98
C VAL A 1009 -12.74 -2.17 -48.81
N VAL A 1010 -11.79 -1.24 -48.91
CA VAL A 1010 -10.83 -1.06 -47.81
C VAL A 1010 -11.55 -0.60 -46.56
N PHE A 1011 -12.49 0.34 -46.70
CA PHE A 1011 -13.23 0.80 -45.53
C PHE A 1011 -14.04 -0.33 -44.91
N SER A 1012 -14.69 -1.15 -45.75
CA SER A 1012 -15.49 -2.25 -45.22
C SER A 1012 -14.62 -3.26 -44.47
N LEU A 1013 -13.46 -3.61 -45.03
CA LEU A 1013 -12.61 -4.60 -44.38
C LEU A 1013 -11.83 -4.04 -43.21
N SER A 1014 -11.69 -2.71 -43.11
CA SER A 1014 -10.95 -2.14 -42.00
C SER A 1014 -11.61 -2.44 -40.66
N SER A 1015 -12.94 -2.31 -40.59
CA SER A 1015 -13.65 -2.59 -39.35
C SER A 1015 -13.48 -4.04 -38.94
N PHE A 1016 -13.60 -4.97 -39.90
CA PHE A 1016 -13.42 -6.39 -39.59
C PHE A 1016 -12.00 -6.64 -39.10
N GLN A 1017 -11.01 -6.05 -39.76
CA GLN A 1017 -9.62 -6.18 -39.31
C GLN A 1017 -9.47 -5.70 -37.88
N TYR A 1018 -10.00 -4.52 -37.58
CA TYR A 1018 -9.83 -3.95 -36.24
C TYR A 1018 -10.49 -4.84 -35.19
N LEU A 1019 -11.72 -5.29 -35.46
CA LEU A 1019 -12.43 -6.09 -34.45
C LEU A 1019 -11.77 -7.45 -34.26
N ILE A 1020 -11.31 -8.08 -35.35
CA ILE A 1020 -10.65 -9.38 -35.19
C ILE A 1020 -9.34 -9.24 -34.46
N LEU A 1021 -8.57 -8.17 -34.75
CA LEU A 1021 -7.34 -7.95 -34.01
C LEU A 1021 -7.62 -7.72 -32.53
N ALA A 1022 -8.65 -6.93 -32.22
CA ALA A 1022 -8.99 -6.69 -30.81
C ALA A 1022 -9.40 -7.98 -30.12
N ALA A 1023 -10.19 -8.81 -30.80
CA ALA A 1023 -10.61 -10.08 -30.21
C ALA A 1023 -9.43 -11.01 -29.99
N ALA A 1024 -8.51 -11.08 -30.96
CA ALA A 1024 -7.42 -12.04 -30.87
C ALA A 1024 -6.37 -11.61 -29.84
N VAL A 1025 -6.07 -10.31 -29.78
CA VAL A 1025 -5.03 -9.85 -28.86
C VAL A 1025 -5.42 -10.11 -27.42
N SER A 1026 -6.71 -10.00 -27.09
CA SER A 1026 -7.19 -10.21 -25.74
C SER A 1026 -7.33 -11.68 -25.37
N LYS A 1027 -7.15 -12.59 -26.31
CA LYS A 1027 -7.30 -14.02 -26.01
C LYS A 1027 -6.25 -14.47 -25.02
N GLY A 1028 -6.68 -15.25 -24.04
CA GLY A 1028 -5.77 -15.80 -23.05
C GLY A 1028 -6.48 -16.74 -22.08
N ALA A 1029 -5.90 -17.90 -21.83
CA ALA A 1029 -6.49 -18.88 -20.93
C ALA A 1029 -6.21 -18.51 -19.47
N PRO A 1030 -4.96 -18.25 -19.08
CA PRO A 1030 -4.68 -17.94 -17.68
C PRO A 1030 -4.93 -16.47 -17.36
N PHE A 1031 -4.97 -16.18 -16.07
CA PHE A 1031 -5.10 -14.83 -15.50
C PHE A 1031 -6.50 -14.27 -15.64
N ARG A 1032 -7.42 -14.97 -16.31
CA ARG A 1032 -8.79 -14.48 -16.46
C ARG A 1032 -9.61 -15.55 -17.17
N ARG A 1033 -10.92 -15.46 -17.01
CA ARG A 1033 -11.84 -16.39 -17.64
C ARG A 1033 -11.96 -16.08 -19.13
N PRO A 1034 -12.46 -17.03 -19.92
CA PRO A 1034 -12.58 -16.80 -21.37
C PRO A 1034 -13.40 -15.56 -21.68
N LEU A 1035 -13.38 -15.19 -22.96
CA LEU A 1035 -14.03 -13.94 -23.38
C LEU A 1035 -15.53 -13.98 -23.13
N TYR A 1036 -16.16 -15.14 -23.32
CA TYR A 1036 -17.60 -15.23 -23.20
C TYR A 1036 -18.10 -15.10 -21.76
N THR A 1037 -17.20 -15.11 -20.78
CA THR A 1037 -17.64 -14.95 -19.39
C THR A 1037 -18.29 -13.60 -19.15
N ASN A 1038 -17.91 -12.58 -19.90
CA ASN A 1038 -18.42 -11.23 -19.72
C ASN A 1038 -19.64 -11.02 -20.61
N VAL A 1039 -20.80 -10.76 -19.99
CA VAL A 1039 -22.05 -10.58 -20.71
C VAL A 1039 -22.04 -9.25 -21.45
N PRO A 1040 -21.63 -8.14 -20.81
CA PRO A 1040 -21.57 -6.87 -21.55
C PRO A 1040 -20.72 -6.96 -22.81
N PHE A 1041 -19.58 -7.65 -22.73
CA PHE A 1041 -18.73 -7.78 -23.91
C PHE A 1041 -19.42 -8.62 -24.99
N LEU A 1042 -20.12 -9.68 -24.59
CA LEU A 1042 -20.86 -10.49 -25.55
C LEU A 1042 -21.91 -9.66 -26.28
N VAL A 1043 -22.69 -8.87 -25.54
CA VAL A 1043 -23.73 -8.07 -26.19
C VAL A 1043 -23.09 -7.01 -27.08
N ALA A 1044 -22.00 -6.39 -26.62
CA ALA A 1044 -21.34 -5.38 -27.43
C ALA A 1044 -20.84 -5.96 -28.74
N LEU A 1045 -20.14 -7.10 -28.69
CA LEU A 1045 -19.63 -7.70 -29.91
C LEU A 1045 -20.75 -8.23 -30.80
N ALA A 1046 -21.84 -8.73 -30.19
CA ALA A 1046 -22.96 -9.21 -30.99
C ALA A 1046 -23.60 -8.07 -31.76
N LEU A 1047 -23.89 -6.96 -31.10
CA LEU A 1047 -24.48 -5.82 -31.81
C LEU A 1047 -23.50 -5.23 -32.81
N LEU A 1048 -22.20 -5.22 -32.49
CA LEU A 1048 -21.21 -4.74 -33.44
C LEU A 1048 -21.22 -5.57 -34.71
N SER A 1049 -21.22 -6.91 -34.56
CA SER A 1049 -21.27 -7.77 -35.73
C SER A 1049 -22.58 -7.58 -36.50
N SER A 1050 -23.69 -7.47 -35.77
CA SER A 1050 -24.99 -7.32 -36.44
C SER A 1050 -25.04 -6.04 -37.27
N VAL A 1051 -24.49 -4.93 -36.75
CA VAL A 1051 -24.54 -3.69 -37.49
C VAL A 1051 -23.48 -3.65 -38.59
N LEU A 1052 -22.35 -4.35 -38.40
CA LEU A 1052 -21.31 -4.35 -39.42
C LEU A 1052 -21.70 -5.21 -40.62
N VAL A 1053 -22.28 -6.38 -40.38
CA VAL A 1053 -22.63 -7.29 -41.47
C VAL A 1053 -23.69 -6.68 -42.38
N GLY A 1054 -24.43 -5.67 -41.89
CA GLY A 1054 -25.41 -5.02 -42.73
C GLY A 1054 -24.81 -4.21 -43.86
N LEU A 1055 -23.58 -3.71 -43.68
CA LEU A 1055 -22.93 -2.95 -44.73
C LEU A 1055 -22.52 -3.80 -45.92
N VAL A 1056 -21.92 -4.96 -45.68
CA VAL A 1056 -21.55 -5.85 -46.78
C VAL A 1056 -22.79 -6.38 -47.50
N LEU A 1057 -23.86 -6.66 -46.76
CA LEU A 1057 -25.12 -7.06 -47.38
C LEU A 1057 -25.68 -5.92 -48.21
N VAL A 1058 -26.41 -6.28 -49.25
CA VAL A 1058 -26.97 -5.31 -50.20
C VAL A 1058 -27.57 -4.14 -49.41
N PRO A 1059 -27.03 -2.92 -49.56
CA PRO A 1059 -27.52 -1.81 -48.73
C PRO A 1059 -28.96 -1.45 -49.04
N GLY A 1060 -29.66 -0.98 -48.02
CA GLY A 1060 -31.02 -0.53 -48.13
C GLY A 1060 -31.13 0.97 -48.27
N LEU A 1061 -32.22 1.53 -47.77
CA LEU A 1061 -32.45 2.97 -47.84
C LEU A 1061 -31.64 3.69 -46.77
N LEU A 1062 -31.54 5.01 -46.91
CA LEU A 1062 -30.84 5.87 -45.96
C LEU A 1062 -29.35 5.59 -45.91
N GLN A 1063 -28.77 5.18 -47.03
CA GLN A 1063 -27.34 4.95 -47.14
C GLN A 1063 -26.58 6.15 -47.68
N GLY A 1064 -27.27 7.26 -47.93
CA GLY A 1064 -26.64 8.45 -48.47
C GLY A 1064 -25.52 9.00 -47.61
N PRO A 1065 -25.80 9.27 -46.32
CA PRO A 1065 -24.76 9.85 -45.48
C PRO A 1065 -23.51 9.00 -45.38
N LEU A 1066 -23.62 7.68 -45.39
CA LEU A 1066 -22.46 6.81 -45.32
C LEU A 1066 -21.64 6.81 -46.60
N ALA A 1067 -22.16 7.38 -47.68
CA ALA A 1067 -21.46 7.47 -48.95
C ALA A 1067 -21.15 6.10 -49.55
N LEU A 1068 -21.93 5.09 -49.17
CA LEU A 1068 -21.74 3.76 -49.73
C LEU A 1068 -22.26 3.69 -51.16
N ARG A 1069 -21.73 2.73 -51.91
CA ARG A 1069 -22.11 2.52 -53.30
C ARG A 1069 -22.57 1.09 -53.50
N ASN A 1070 -23.51 0.91 -54.43
CA ASN A 1070 -24.05 -0.41 -54.71
C ASN A 1070 -23.02 -1.28 -55.42
N ILE A 1071 -23.25 -2.59 -55.36
CA ILE A 1071 -22.37 -3.58 -55.98
C ILE A 1071 -23.00 -4.02 -57.30
N THR A 1072 -22.19 -4.06 -58.36
CA THR A 1072 -22.71 -4.43 -59.67
C THR A 1072 -23.29 -5.85 -59.65
N ASP A 1073 -22.60 -6.78 -59.01
CA ASP A 1073 -23.03 -8.17 -58.93
C ASP A 1073 -23.21 -8.55 -57.47
N THR A 1074 -24.37 -9.11 -57.14
CA THR A 1074 -24.63 -9.55 -55.76
C THR A 1074 -23.69 -10.66 -55.33
N GLY A 1075 -23.15 -11.43 -56.28
CA GLY A 1075 -22.24 -12.51 -55.94
C GLY A 1075 -20.82 -12.09 -55.65
N PHE A 1076 -20.51 -10.80 -55.82
CA PHE A 1076 -19.16 -10.32 -55.52
C PHE A 1076 -18.81 -10.46 -54.05
N LYS A 1077 -19.80 -10.59 -53.17
CA LYS A 1077 -19.55 -10.75 -51.74
C LYS A 1077 -18.92 -12.10 -51.41
N LEU A 1078 -18.88 -13.04 -52.36
CA LEU A 1078 -18.28 -14.34 -52.09
C LEU A 1078 -16.81 -14.19 -51.71
N LEU A 1079 -16.07 -13.35 -52.45
CA LEU A 1079 -14.68 -13.10 -52.10
C LEU A 1079 -14.57 -12.44 -50.74
N LEU A 1080 -15.45 -11.48 -50.45
CA LEU A 1080 -15.40 -10.78 -49.17
C LEU A 1080 -15.65 -11.73 -48.01
N LEU A 1081 -16.73 -12.51 -48.08
CA LEU A 1081 -17.01 -13.46 -47.00
C LEU A 1081 -15.91 -14.49 -46.88
N GLY A 1082 -15.38 -14.96 -48.02
CA GLY A 1082 -14.31 -15.93 -47.96
C GLY A 1082 -13.08 -15.40 -47.26
N LEU A 1083 -12.65 -14.18 -47.62
CA LEU A 1083 -11.44 -13.64 -47.02
C LEU A 1083 -11.66 -13.29 -45.55
N VAL A 1084 -12.83 -12.77 -45.19
CA VAL A 1084 -13.06 -12.43 -43.79
C VAL A 1084 -13.10 -13.70 -42.93
N THR A 1085 -13.74 -14.76 -43.42
CA THR A 1085 -13.75 -16.00 -42.64
C THR A 1085 -12.37 -16.65 -42.61
N LEU A 1086 -11.59 -16.51 -43.68
CA LEU A 1086 -10.21 -17.00 -43.66
C LEU A 1086 -9.41 -16.28 -42.58
N ASN A 1087 -9.54 -14.95 -42.50
CA ASN A 1087 -8.86 -14.21 -41.45
C ASN A 1087 -9.37 -14.63 -40.07
N PHE A 1088 -10.69 -14.83 -39.94
CA PHE A 1088 -11.26 -15.27 -38.68
C PHE A 1088 -10.61 -16.56 -38.20
N VAL A 1089 -10.55 -17.56 -39.08
CA VAL A 1089 -9.98 -18.85 -38.68
C VAL A 1089 -8.47 -18.72 -38.45
N GLY A 1090 -7.78 -17.95 -39.29
CA GLY A 1090 -6.34 -17.83 -39.17
C GLY A 1090 -5.92 -17.16 -37.87
N ALA A 1091 -6.70 -16.18 -37.42
CA ALA A 1091 -6.38 -15.53 -36.15
C ALA A 1091 -6.29 -16.55 -35.02
N PHE A 1092 -7.33 -17.39 -34.90
CA PHE A 1092 -7.33 -18.42 -33.85
C PHE A 1092 -6.24 -19.45 -34.09
N MET A 1093 -6.04 -19.86 -35.35
CA MET A 1093 -5.03 -20.89 -35.63
C MET A 1093 -3.64 -20.43 -35.23
N LEU A 1094 -3.29 -19.18 -35.57
CA LEU A 1094 -1.97 -18.67 -35.21
C LEU A 1094 -1.88 -18.39 -33.72
N GLU A 1095 -2.95 -17.84 -33.13
CA GLU A 1095 -2.92 -17.56 -31.69
C GLU A 1095 -2.75 -18.83 -30.87
N SER A 1096 -3.22 -19.96 -31.40
CA SER A 1096 -3.13 -21.22 -30.66
C SER A 1096 -1.74 -21.84 -30.70
N VAL A 1097 -0.90 -21.44 -31.64
CA VAL A 1097 0.44 -21.98 -31.78
C VAL A 1097 1.51 -20.99 -31.35
N LEU A 1098 1.29 -19.70 -31.59
CA LEU A 1098 2.26 -18.70 -31.15
C LEU A 1098 2.40 -18.68 -29.64
N ASP A 1099 1.30 -18.88 -28.92
CA ASP A 1099 1.36 -18.92 -27.46
C ASP A 1099 2.24 -20.05 -26.94
N GLN A 1100 2.51 -21.06 -27.78
CA GLN A 1100 3.37 -22.15 -27.38
C GLN A 1100 4.78 -21.63 -27.09
N CYS A 1101 5.62 -22.51 -26.54
CA CYS A 1101 6.96 -22.16 -26.10
C CYS A 1101 7.97 -22.10 -27.25
N LEU A 1102 7.53 -21.99 -28.50
CA LEU A 1102 8.46 -21.91 -29.62
C LEU A 1102 9.51 -20.82 -29.44
N PRO A 1103 9.16 -19.59 -29.01
CA PRO A 1103 10.22 -18.59 -28.76
C PRO A 1103 11.26 -19.08 -27.78
N ALA A 1104 10.86 -19.84 -26.76
CA ALA A 1104 11.80 -20.47 -25.84
C ALA A 1104 12.29 -21.82 -26.35
N CYS A 1105 11.50 -22.48 -27.19
CA CYS A 1105 11.92 -23.78 -27.73
C CYS A 1105 13.14 -23.63 -28.63
N LEU A 1106 13.19 -22.55 -29.41
CA LEU A 1106 14.32 -22.34 -30.32
C LEU A 1106 15.62 -22.07 -29.59
N ARG A 1107 15.58 -21.78 -28.29
CA ARG A 1107 16.77 -21.48 -27.51
C ARG A 1107 16.85 -22.31 -26.24
N ARG A 1108 16.41 -23.57 -26.31
CA ARG A 1108 16.50 -24.44 -25.13
C ARG A 1108 17.93 -24.72 -24.73
N LEU A 1109 18.87 -24.69 -25.67
CA LEU A 1109 20.29 -24.84 -25.36
C LEU A 1109 20.88 -23.50 -24.91
N ARG A 1110 20.22 -22.91 -23.92
CA ARG A 1110 20.56 -21.57 -23.47
C ARG A 1110 21.88 -21.61 -22.68
N PRO A 1111 22.81 -20.71 -22.96
CA PRO A 1111 23.96 -20.51 -22.06
C PRO A 1111 23.76 -19.43 -21.01
N LYS A 1112 22.54 -18.91 -20.88
CA LYS A 1112 22.29 -17.79 -19.98
C LYS A 1112 22.53 -18.21 -18.53
N ARG A 1113 23.11 -17.30 -17.74
CA ARG A 1113 23.30 -17.52 -16.31
C ARG A 1113 22.92 -16.22 -15.60
N ALA A 1114 21.66 -16.13 -15.18
CA ALA A 1114 21.14 -14.95 -14.51
C ALA A 1114 21.14 -15.18 -13.00
N SER A 1115 21.86 -14.34 -12.28
CA SER A 1115 21.94 -14.47 -10.83
C SER A 1115 20.78 -13.75 -10.14
N LYS A 1116 20.64 -12.45 -10.40
CA LYS A 1116 19.59 -11.63 -9.79
C LYS A 1116 19.70 -11.60 -8.27
N LYS A 1117 20.85 -11.98 -7.73
CA LYS A 1117 21.09 -12.00 -6.29
C LYS A 1117 20.16 -12.95 -5.55
N ARG A 1118 19.58 -13.92 -6.27
CA ARG A 1118 18.68 -14.90 -5.68
C ARG A 1118 19.15 -16.31 -6.00
N PHE A 1119 19.65 -16.52 -7.23
CA PHE A 1119 20.05 -17.84 -7.67
C PHE A 1119 21.48 -18.20 -7.28
N LYS A 1120 22.38 -17.21 -7.25
CA LYS A 1120 23.78 -17.49 -6.91
C LYS A 1120 23.88 -18.03 -5.49
N GLN A 1121 23.11 -17.46 -4.55
CA GLN A 1121 23.18 -17.90 -3.17
C GLN A 1121 22.82 -19.38 -3.04
N LEU A 1122 21.68 -19.78 -3.62
CA LEU A 1122 21.27 -21.17 -3.52
C LEU A 1122 22.19 -22.09 -4.30
N GLU A 1123 22.72 -21.62 -5.44
CA GLU A 1123 23.67 -22.43 -6.19
C GLU A 1123 24.92 -22.71 -5.35
N ARG A 1124 25.45 -21.69 -4.69
CA ARG A 1124 26.61 -21.88 -3.83
C ARG A 1124 26.27 -22.80 -2.66
N GLU A 1125 25.08 -22.61 -2.07
CA GLU A 1125 24.69 -23.43 -0.92
C GLU A 1125 24.61 -24.90 -1.31
N LEU A 1126 24.02 -25.20 -2.46
CA LEU A 1126 23.90 -26.60 -2.87
C LEU A 1126 25.24 -27.16 -3.36
N ALA A 1127 26.09 -26.32 -3.94
CA ALA A 1127 27.40 -26.81 -4.37
C ALA A 1127 28.29 -27.14 -3.17
N GLU A 1128 28.26 -26.30 -2.14
CA GLU A 1128 29.08 -26.51 -0.94
C GLU A 1128 28.20 -27.15 0.12
N GLN A 1129 28.26 -28.48 0.20
CA GLN A 1129 27.50 -29.27 1.17
C GLN A 1129 26.15 -28.64 1.53
#